data_6F73
#
_entry.id   6F73
#
_cell.length_a   62.417
_cell.length_b   115.959
_cell.length_c   198.676
_cell.angle_alpha   90.00
_cell.angle_beta   90.00
_cell.angle_gamma   90.00
#
_symmetry.space_group_name_H-M   'P 2 21 21'
#
loop_
_entity.id
_entity.type
_entity.pdbx_description
1 polymer MtVAO615
2 branched 2-acetamido-2-deoxy-beta-D-glucopyranose-(1-4)-2-acetamido-2-deoxy-beta-D-glucopyranose
3 non-polymer 'FLAVIN-ADENINE DINUCLEOTIDE'
4 non-polymer 2-acetamido-2-deoxy-beta-D-glucopyranose
5 water water
#
_entity_poly.entity_id   1
_entity_poly.type   'polypeptide(L)'
_entity_poly.pdbx_seq_one_letter_code
;MPASLLRFLALAGTAVGLTTNHNHSPSCRVLPGDAAWPSSRDWAKLNKTLNGHLIATVPQASVCHKSPFGQYDAQACEEL
KSSWDISTITHVNAPGDVLSQNFQNYSCVPFTDPSQPCQLGNYPSYVVNVTGAADVQAALKFAQKHNVRIVIKNTGHDYL
GKSTGKGALSLWMHNLKSTKFIKNYKAPYYKGPAAKLGAGVEGFEAYAMANSTGHRIVGGTCPTVGIVGGYTQGGGHSIL
SSSYGVAADNVLEWEVVTADGRHLVATPTRNSDLYWALSGGGGGTFAVVLSMTARLHRDGIVGGTLLGFNDSAVGNEVYW
EAVAAFHALLPDFLDGGNSFTYSVGNNSLTAYGTMPGADRDAVDRLLRPFLDDLASRGITPVVQPRVSTNYYDHFFTYLG
PAPYGNAAYFPFTNSRIIPRSLVTDPKSNAVVTDLFRNISQVPAFSPFYCDSFSVADKPHPANSLHPAWRTGMLLCAPAG
SWDWDASPEEMAARDRYAAETLQPMMDAATPGGSVYLNEANHLYANWKESFYGDNYARLLRVKKKYDPDSVFYVKTGVGS
EVWDVDATGRLCRA
;
_entity_poly.pdbx_strand_id   A,B
#
# COMPACT_ATOMS: atom_id res chain seq x y z
N SER A 27 19.56 -31.48 -1.84
CA SER A 27 19.10 -31.88 -3.21
C SER A 27 19.41 -30.80 -4.24
N CYS A 28 19.83 -31.24 -5.43
CA CYS A 28 20.23 -30.33 -6.53
C CYS A 28 19.46 -30.72 -7.78
N ARG A 29 19.26 -29.77 -8.70
CA ARG A 29 18.68 -30.07 -10.01
C ARG A 29 19.67 -30.89 -10.84
N VAL A 30 19.13 -31.74 -11.71
CA VAL A 30 19.98 -32.53 -12.61
C VAL A 30 20.60 -31.67 -13.71
N LEU A 31 21.73 -32.14 -14.23
CA LEU A 31 22.45 -31.52 -15.34
C LEU A 31 22.84 -32.64 -16.32
N PRO A 32 23.04 -32.29 -17.61
CA PRO A 32 23.58 -33.24 -18.58
C PRO A 32 24.87 -33.89 -18.05
N GLY A 33 25.01 -35.19 -18.20
CA GLY A 33 26.15 -35.94 -17.66
C GLY A 33 25.79 -36.74 -16.42
N ASP A 34 24.80 -36.28 -15.65
CA ASP A 34 24.34 -36.98 -14.44
C ASP A 34 23.65 -38.30 -14.80
N ALA A 35 23.81 -39.30 -13.93
CA ALA A 35 23.08 -40.57 -14.07
C ALA A 35 21.56 -40.36 -14.20
N ALA A 36 21.03 -39.39 -13.44
CA ALA A 36 19.57 -39.12 -13.41
C ALA A 36 19.08 -38.09 -14.44
N TRP A 37 19.95 -37.68 -15.36
CA TRP A 37 19.53 -36.84 -16.48
C TRP A 37 18.59 -37.67 -17.35
N PRO A 38 17.45 -37.09 -17.78
CA PRO A 38 16.51 -37.92 -18.52
C PRO A 38 17.09 -38.48 -19.82
N SER A 39 16.74 -39.73 -20.12
CA SER A 39 17.18 -40.42 -21.33
C SER A 39 16.57 -39.83 -22.60
N SER A 40 17.08 -40.26 -23.75
CA SER A 40 16.54 -39.87 -25.06
C SER A 40 15.07 -40.27 -25.20
N ARG A 41 14.71 -41.45 -24.67
CA ARG A 41 13.32 -41.91 -24.65
C ARG A 41 12.42 -41.04 -23.78
N ASP A 42 12.92 -40.61 -22.62
CA ASP A 42 12.18 -39.70 -21.74
C ASP A 42 11.91 -38.35 -22.42
N TRP A 43 12.93 -37.78 -23.08
CA TRP A 43 12.77 -36.52 -23.82
C TRP A 43 11.81 -36.69 -25.01
N ALA A 44 11.95 -37.80 -25.73
CA ALA A 44 11.02 -38.14 -26.83
C ALA A 44 9.59 -38.31 -26.33
N LYS A 45 9.42 -38.87 -25.14
CA LYS A 45 8.10 -39.00 -24.51
C LYS A 45 7.51 -37.62 -24.21
N LEU A 46 8.34 -36.72 -23.67
CA LEU A 46 7.90 -35.33 -23.45
C LEU A 46 7.51 -34.66 -24.76
N ASN A 47 8.35 -34.84 -25.79
CA ASN A 47 8.08 -34.26 -27.11
C ASN A 47 6.76 -34.77 -27.70
N LYS A 48 6.47 -36.05 -27.52
CA LYS A 48 5.20 -36.65 -27.96
C LYS A 48 4.03 -35.98 -27.23
N THR A 49 4.14 -35.83 -25.91
CA THR A 49 3.15 -35.12 -25.11
C THR A 49 2.94 -33.68 -25.61
N LEU A 50 4.03 -33.02 -26.00
CA LEU A 50 4.00 -31.64 -26.49
C LEU A 50 3.67 -31.49 -28.00
N ASN A 51 3.27 -32.57 -28.67
CA ASN A 51 2.91 -32.55 -30.09
C ASN A 51 4.04 -31.99 -30.95
N GLY A 52 5.25 -32.46 -30.69
CA GLY A 52 6.42 -32.06 -31.45
C GLY A 52 6.98 -30.68 -31.14
N HIS A 53 6.62 -30.08 -30.01
CA HIS A 53 7.04 -28.70 -29.68
C HIS A 53 8.22 -28.60 -28.70
N LEU A 54 8.96 -29.69 -28.50
CA LEU A 54 10.24 -29.65 -27.79
C LEU A 54 11.35 -29.34 -28.79
N ILE A 55 12.23 -28.42 -28.43
CA ILE A 55 13.36 -28.03 -29.27
C ILE A 55 14.66 -28.28 -28.50
N ALA A 56 15.53 -29.12 -29.05
CA ALA A 56 16.92 -29.26 -28.56
C ALA A 56 17.67 -27.98 -28.88
N THR A 57 18.20 -27.31 -27.86
CA THR A 57 18.71 -25.95 -28.01
C THR A 57 19.92 -25.87 -28.94
N VAL A 58 19.79 -25.01 -29.95
CA VAL A 58 20.86 -24.70 -30.88
C VAL A 58 21.02 -23.19 -30.83
N PRO A 59 22.10 -22.70 -30.18
CA PRO A 59 22.30 -21.26 -30.14
C PRO A 59 22.35 -20.66 -31.53
N GLN A 60 21.74 -19.49 -31.70
CA GLN A 60 21.69 -18.79 -32.98
C GLN A 60 23.07 -18.63 -33.63
N ALA A 61 24.10 -18.44 -32.83
CA ALA A 61 25.47 -18.25 -33.33
C ALA A 61 26.24 -19.55 -33.61
N SER A 62 25.58 -20.70 -33.61
CA SER A 62 26.20 -21.95 -34.08
C SER A 62 26.73 -21.84 -35.51
N VAL A 63 26.06 -21.05 -36.36
CA VAL A 63 26.55 -20.76 -37.71
C VAL A 63 27.93 -20.09 -37.79
N CYS A 64 28.43 -19.61 -36.65
CA CYS A 64 29.77 -19.06 -36.53
C CYS A 64 30.86 -20.05 -36.16
N HIS A 65 30.51 -21.32 -36.01
CA HIS A 65 31.43 -22.35 -35.50
C HIS A 65 31.19 -23.68 -36.23
N LYS A 66 32.23 -24.48 -36.36
CA LYS A 66 32.19 -25.69 -37.18
C LYS A 66 31.67 -26.93 -36.46
N SER A 67 31.66 -26.88 -35.14
CA SER A 67 31.26 -28.04 -34.31
C SER A 67 30.65 -27.50 -33.01
N PRO A 68 29.75 -28.24 -32.34
CA PRO A 68 29.34 -29.59 -32.65
C PRO A 68 28.11 -29.72 -33.58
N PHE A 69 27.79 -28.68 -34.36
CA PHE A 69 26.60 -28.68 -35.21
C PHE A 69 26.89 -28.64 -36.73
N GLY A 70 28.17 -28.58 -37.12
CA GLY A 70 28.55 -28.86 -38.51
C GLY A 70 28.16 -27.82 -39.54
N GLN A 71 27.65 -26.68 -39.08
CA GLN A 71 26.87 -25.76 -39.89
C GLN A 71 27.50 -24.40 -39.89
N TYR A 72 28.83 -24.34 -39.99
CA TYR A 72 29.57 -23.08 -40.18
C TYR A 72 29.17 -22.45 -41.51
N ASP A 73 28.71 -21.22 -41.45
CA ASP A 73 28.27 -20.45 -42.61
C ASP A 73 28.81 -19.05 -42.37
N ALA A 74 29.95 -18.76 -43.02
CA ALA A 74 30.73 -17.55 -42.76
C ALA A 74 29.92 -16.27 -42.98
N GLN A 75 29.17 -16.23 -44.08
CA GLN A 75 28.37 -15.06 -44.41
C GLN A 75 27.12 -14.90 -43.52
N ALA A 76 26.49 -16.01 -43.15
CA ALA A 76 25.42 -15.97 -42.14
C ALA A 76 25.98 -15.48 -40.80
N CYS A 77 27.22 -15.87 -40.49
CA CYS A 77 27.90 -15.41 -39.27
C CYS A 77 28.14 -13.90 -39.28
N GLU A 78 28.58 -13.34 -40.41
CA GLU A 78 28.77 -11.87 -40.53
C GLU A 78 27.46 -11.09 -40.33
N GLU A 79 26.35 -11.63 -40.83
CA GLU A 79 25.04 -11.03 -40.62
C GLU A 79 24.67 -10.93 -39.13
N LEU A 80 24.99 -11.96 -38.36
CA LEU A 80 24.78 -11.94 -36.91
C LEU A 80 25.66 -10.90 -36.22
N LYS A 81 26.92 -10.78 -36.67
CA LYS A 81 27.84 -9.79 -36.08
C LYS A 81 27.33 -8.36 -36.21
N SER A 82 26.79 -8.03 -37.38
CA SER A 82 26.39 -6.66 -37.72
C SER A 82 25.52 -5.97 -36.66
N SER A 83 24.57 -6.69 -36.07
CA SER A 83 23.63 -6.12 -35.08
C SER A 83 23.48 -6.98 -33.81
N TRP A 84 24.55 -7.70 -33.45
CA TRP A 84 24.51 -8.61 -32.31
C TRP A 84 24.27 -7.88 -30.98
N ASP A 85 24.82 -6.68 -30.86
CA ASP A 85 24.68 -5.87 -29.65
C ASP A 85 23.44 -4.96 -29.67
N ILE A 86 22.53 -5.17 -30.62
CA ILE A 86 21.24 -4.44 -30.72
C ILE A 86 20.10 -5.41 -30.38
N SER A 87 19.02 -4.89 -29.80
CA SER A 87 17.82 -5.69 -29.54
C SER A 87 17.06 -5.84 -30.84
N THR A 88 17.29 -6.98 -31.51
CA THR A 88 16.72 -7.24 -32.82
C THR A 88 15.63 -8.30 -32.72
N ILE A 89 14.65 -8.21 -33.61
CA ILE A 89 13.59 -9.22 -33.69
C ILE A 89 14.18 -10.58 -34.07
N THR A 90 15.22 -10.56 -34.92
CA THR A 90 15.93 -11.77 -35.35
C THR A 90 16.51 -12.56 -34.18
N HIS A 91 17.08 -11.85 -33.20
CA HIS A 91 17.65 -12.48 -32.02
C HIS A 91 16.58 -12.96 -31.03
N VAL A 92 15.57 -12.11 -30.83
CA VAL A 92 14.42 -12.42 -29.97
C VAL A 92 13.65 -13.67 -30.48
N ASN A 93 13.57 -13.84 -31.80
CA ASN A 93 12.91 -15.01 -32.41
C ASN A 93 13.62 -16.34 -32.18
N ALA A 94 14.88 -16.32 -31.75
CA ALA A 94 15.63 -17.57 -31.48
C ALA A 94 15.17 -18.26 -30.17
N PRO A 95 14.87 -19.58 -30.23
CA PRO A 95 14.31 -20.31 -29.08
C PRO A 95 15.14 -20.26 -27.80
N GLY A 96 16.41 -20.59 -27.88
CA GLY A 96 17.25 -20.78 -26.70
C GLY A 96 18.13 -19.62 -26.29
N ASP A 97 18.05 -18.51 -27.04
CA ASP A 97 18.99 -17.40 -26.88
C ASP A 97 18.53 -16.36 -25.88
N VAL A 98 19.49 -15.54 -25.49
CA VAL A 98 19.27 -14.43 -24.59
C VAL A 98 20.08 -13.22 -25.16
N LEU A 99 19.59 -12.01 -24.95
CA LEU A 99 20.26 -10.82 -25.50
C LEU A 99 21.54 -10.39 -24.78
N SER A 100 21.65 -10.71 -23.48
CA SER A 100 22.83 -10.32 -22.70
C SER A 100 24.11 -11.03 -23.13
N GLN A 101 25.06 -10.21 -23.53
CA GLN A 101 26.38 -10.66 -23.93
C GLN A 101 27.09 -11.28 -22.73
N ASN A 102 26.83 -10.75 -21.54
CA ASN A 102 27.42 -11.29 -20.32
C ASN A 102 26.93 -12.71 -20.05
N PHE A 103 25.64 -12.95 -20.21
CA PHE A 103 25.11 -14.30 -19.98
C PHE A 103 25.38 -15.29 -21.13
N GLN A 104 25.56 -14.78 -22.34
CA GLN A 104 26.10 -15.58 -23.43
C GLN A 104 27.45 -16.15 -23.05
N ASN A 105 28.28 -15.31 -22.42
CA ASN A 105 29.52 -15.70 -21.72
C ASN A 105 30.48 -16.49 -22.61
N TYR A 106 30.63 -16.03 -23.85
CA TYR A 106 31.56 -16.60 -24.83
C TYR A 106 31.30 -18.08 -25.19
N SER A 107 30.14 -18.63 -24.82
CA SER A 107 29.92 -20.08 -24.95
C SER A 107 29.71 -20.47 -26.42
N CYS A 108 28.89 -19.67 -27.09
CA CYS A 108 28.63 -19.80 -28.51
C CYS A 108 28.24 -18.41 -29.01
N VAL A 109 29.25 -17.61 -29.39
CA VAL A 109 29.04 -16.22 -29.80
C VAL A 109 29.67 -15.95 -31.17
N PRO A 110 29.21 -14.87 -31.84
CA PRO A 110 29.79 -14.55 -33.15
C PRO A 110 31.27 -14.14 -33.16
N PHE A 111 31.77 -13.61 -32.06
CA PHE A 111 33.05 -12.91 -32.05
C PHE A 111 34.25 -13.72 -31.52
N THR A 112 34.11 -15.03 -31.42
CA THR A 112 35.23 -15.93 -31.18
C THR A 112 35.50 -16.71 -32.46
N ASP A 113 36.64 -17.39 -32.50
CA ASP A 113 37.10 -18.10 -33.69
C ASP A 113 36.13 -19.22 -34.08
N PRO A 114 35.95 -19.45 -35.38
CA PRO A 114 35.16 -20.61 -35.84
C PRO A 114 35.58 -21.96 -35.23
N SER A 115 36.87 -22.13 -34.97
CA SER A 115 37.38 -23.38 -34.35
C SER A 115 36.95 -23.59 -32.90
N GLN A 116 36.56 -22.52 -32.21
CA GLN A 116 36.07 -22.63 -30.82
C GLN A 116 34.69 -23.28 -30.84
N PRO A 117 34.50 -24.38 -30.08
CA PRO A 117 33.22 -25.08 -30.21
C PRO A 117 32.05 -24.33 -29.60
N CYS A 118 30.93 -24.40 -30.31
CA CYS A 118 29.67 -23.84 -29.85
C CYS A 118 29.13 -24.69 -28.69
N GLN A 119 29.00 -24.09 -27.51
CA GLN A 119 28.50 -24.76 -26.30
C GLN A 119 27.33 -23.98 -25.73
N LEU A 120 26.48 -24.68 -24.97
CA LEU A 120 25.27 -24.09 -24.42
C LEU A 120 25.57 -23.13 -23.28
N GLY A 121 26.50 -23.50 -22.41
CA GLY A 121 26.84 -22.69 -21.25
C GLY A 121 25.63 -22.41 -20.40
N ASN A 122 25.27 -21.14 -20.31
CA ASN A 122 24.11 -20.71 -19.53
C ASN A 122 22.77 -20.98 -20.20
N TYR A 123 22.78 -21.29 -21.50
CA TYR A 123 21.54 -21.56 -22.24
C TYR A 123 20.90 -22.86 -21.76
N PRO A 124 19.55 -22.92 -21.81
CA PRO A 124 18.87 -24.15 -21.42
C PRO A 124 19.16 -25.29 -22.41
N SER A 125 19.08 -26.53 -21.91
CA SER A 125 19.32 -27.69 -22.77
C SER A 125 18.16 -27.99 -23.73
N TYR A 126 16.93 -27.72 -23.29
CA TYR A 126 15.73 -27.91 -24.13
C TYR A 126 14.77 -26.74 -23.93
N VAL A 127 14.03 -26.46 -25.00
CA VAL A 127 13.08 -25.38 -25.02
C VAL A 127 11.71 -25.95 -25.40
N VAL A 128 10.69 -25.59 -24.64
CA VAL A 128 9.29 -25.92 -24.95
C VAL A 128 8.67 -24.75 -25.71
N ASN A 129 8.32 -24.98 -26.98
CA ASN A 129 7.67 -23.98 -27.81
C ASN A 129 6.18 -23.97 -27.41
N VAL A 130 5.87 -23.17 -26.39
CA VAL A 130 4.58 -23.21 -25.72
C VAL A 130 3.47 -22.70 -26.63
N THR A 131 2.44 -23.53 -26.82
CA THR A 131 1.25 -23.19 -27.61
C THR A 131 0.04 -22.82 -26.74
N GLY A 132 0.08 -23.23 -25.47
CA GLY A 132 -1.00 -22.93 -24.53
C GLY A 132 -0.77 -23.61 -23.18
N ALA A 133 -1.82 -23.62 -22.38
CA ALA A 133 -1.75 -24.13 -21.01
C ALA A 133 -1.29 -25.58 -20.90
N ALA A 134 -1.74 -26.44 -21.80
CA ALA A 134 -1.43 -27.87 -21.70
C ALA A 134 0.07 -28.17 -21.86
N ASP A 135 0.73 -27.42 -22.75
CA ASP A 135 2.17 -27.59 -22.95
C ASP A 135 2.91 -27.26 -21.66
N VAL A 136 2.48 -26.19 -20.99
CA VAL A 136 3.09 -25.76 -19.73
C VAL A 136 2.88 -26.83 -18.65
N GLN A 137 1.63 -27.27 -18.51
CA GLN A 137 1.27 -28.31 -17.54
C GLN A 137 2.10 -29.58 -17.70
N ALA A 138 2.27 -30.01 -18.96
CA ALA A 138 3.06 -31.20 -19.29
C ALA A 138 4.55 -31.03 -18.99
N ALA A 139 5.11 -29.87 -19.34
CA ALA A 139 6.51 -29.55 -19.04
C ALA A 139 6.77 -29.47 -17.52
N LEU A 140 5.86 -28.84 -16.79
CA LEU A 140 6.01 -28.73 -15.34
C LEU A 140 5.99 -30.10 -14.67
N LYS A 141 5.08 -30.95 -15.13
CA LYS A 141 4.92 -32.27 -14.56
C LYS A 141 6.16 -33.11 -14.84
N PHE A 142 6.63 -33.10 -16.10
CA PHE A 142 7.88 -33.74 -16.49
C PHE A 142 9.07 -33.29 -15.63
N ALA A 143 9.20 -31.98 -15.45
CA ALA A 143 10.33 -31.40 -14.72
C ALA A 143 10.35 -31.80 -13.24
N GLN A 144 9.16 -31.83 -12.62
CA GLN A 144 9.03 -32.24 -11.22
C GLN A 144 9.27 -33.75 -11.08
N LYS A 145 8.81 -34.52 -12.06
CA LYS A 145 9.05 -35.97 -12.13
C LYS A 145 10.55 -36.29 -12.25
N HIS A 146 11.28 -35.56 -13.10
CA HIS A 146 12.71 -35.81 -13.36
C HIS A 146 13.69 -34.84 -12.67
N ASN A 147 13.19 -33.93 -11.83
CA ASN A 147 14.04 -33.00 -11.07
C ASN A 147 14.87 -32.07 -11.98
N VAL A 148 14.24 -31.61 -13.05
CA VAL A 148 14.83 -30.69 -14.01
C VAL A 148 14.47 -29.26 -13.61
N ARG A 149 15.44 -28.36 -13.75
CA ARG A 149 15.24 -26.93 -13.52
C ARG A 149 14.33 -26.33 -14.59
N ILE A 150 13.24 -25.70 -14.17
CA ILE A 150 12.41 -24.91 -15.06
C ILE A 150 12.99 -23.51 -15.21
N VAL A 151 13.09 -23.05 -16.46
CA VAL A 151 13.35 -21.66 -16.82
C VAL A 151 12.16 -21.13 -17.63
N ILE A 152 11.90 -19.83 -17.54
CA ILE A 152 10.83 -19.19 -18.33
C ILE A 152 11.43 -18.06 -19.13
N LYS A 153 11.24 -18.09 -20.44
CA LYS A 153 11.80 -17.08 -21.35
C LYS A 153 10.80 -16.59 -22.38
N ASN A 154 10.72 -15.27 -22.52
CA ASN A 154 9.81 -14.62 -23.44
C ASN A 154 10.64 -14.01 -24.58
N THR A 155 11.34 -12.91 -24.31
CA THR A 155 12.16 -12.22 -25.32
C THR A 155 13.67 -12.43 -25.15
N GLY A 156 14.12 -12.80 -23.95
CA GLY A 156 15.52 -12.83 -23.60
C GLY A 156 16.12 -11.47 -23.23
N HIS A 157 15.27 -10.46 -22.98
CA HIS A 157 15.76 -9.12 -22.62
C HIS A 157 16.45 -9.02 -21.27
N ASP A 158 16.20 -9.95 -20.36
CA ASP A 158 16.54 -9.72 -18.95
C ASP A 158 18.01 -9.44 -18.71
N TYR A 159 18.25 -8.30 -18.06
CA TYR A 159 19.61 -7.86 -17.72
C TYR A 159 20.28 -8.69 -16.63
N LEU A 160 19.49 -9.39 -15.81
CA LEU A 160 20.01 -10.22 -14.72
C LEU A 160 20.17 -11.73 -15.06
N GLY A 161 19.92 -12.11 -16.31
CA GLY A 161 20.03 -13.51 -16.73
C GLY A 161 18.89 -14.40 -16.22
N LYS A 162 17.77 -13.79 -15.85
CA LYS A 162 16.67 -14.53 -15.21
C LYS A 162 15.84 -15.35 -16.19
N SER A 163 16.06 -15.18 -17.49
CA SER A 163 15.33 -15.95 -18.52
C SER A 163 16.21 -17.01 -19.21
N THR A 164 17.32 -17.38 -18.55
CA THR A 164 18.14 -18.50 -18.98
C THR A 164 18.69 -19.25 -17.77
N GLY A 165 19.26 -20.43 -18.03
CA GLY A 165 19.82 -21.25 -16.96
C GLY A 165 20.37 -22.57 -17.45
N LYS A 166 21.55 -22.93 -16.96
CA LYS A 166 22.27 -24.14 -17.37
C LYS A 166 21.47 -25.41 -17.07
N GLY A 167 21.38 -26.30 -18.05
CA GLY A 167 20.72 -27.59 -17.89
C GLY A 167 19.21 -27.54 -17.70
N ALA A 168 18.60 -26.40 -18.02
CA ALA A 168 17.19 -26.18 -17.74
C ALA A 168 16.32 -26.65 -18.89
N LEU A 169 15.03 -26.82 -18.58
CA LEU A 169 13.98 -26.98 -19.56
C LEU A 169 13.28 -25.64 -19.59
N SER A 170 13.33 -24.95 -20.74
CA SER A 170 12.83 -23.57 -20.81
C SER A 170 11.43 -23.51 -21.39
N LEU A 171 10.54 -22.81 -20.69
CA LEU A 171 9.21 -22.50 -21.19
C LEU A 171 9.27 -21.22 -22.02
N TRP A 172 9.25 -21.41 -23.35
CA TRP A 172 9.39 -20.30 -24.30
C TRP A 172 8.01 -19.74 -24.61
N MET A 173 7.76 -18.52 -24.15
CA MET A 173 6.43 -17.91 -24.20
C MET A 173 6.25 -16.97 -25.40
N HIS A 174 7.31 -16.84 -26.20
CA HIS A 174 7.42 -15.85 -27.26
C HIS A 174 6.29 -15.85 -28.29
N ASN A 175 5.77 -17.04 -28.61
CA ASN A 175 4.82 -17.20 -29.71
C ASN A 175 3.34 -17.13 -29.32
N LEU A 176 3.04 -16.89 -28.03
CA LEU A 176 1.66 -16.63 -27.61
C LEU A 176 1.32 -15.17 -27.94
N LYS A 177 0.88 -14.95 -29.19
CA LYS A 177 0.72 -13.60 -29.77
C LYS A 177 -0.74 -13.13 -29.89
N SER A 178 -1.69 -13.85 -29.33
CA SER A 178 -3.10 -13.52 -29.50
C SER A 178 -3.43 -12.17 -28.85
N THR A 179 -4.31 -11.41 -29.48
CA THR A 179 -4.83 -10.17 -28.88
C THR A 179 -6.34 -10.13 -29.02
N LYS A 180 -6.99 -9.43 -28.10
CA LYS A 180 -8.44 -9.34 -28.10
C LYS A 180 -8.82 -8.02 -27.45
N PHE A 181 -9.52 -7.19 -28.22
CA PHE A 181 -10.08 -5.93 -27.76
C PHE A 181 -11.32 -6.23 -26.97
N ILE A 182 -11.40 -5.66 -25.77
CA ILE A 182 -12.59 -5.77 -24.93
C ILE A 182 -13.15 -4.36 -24.80
N LYS A 183 -14.31 -4.13 -25.39
CA LYS A 183 -14.86 -2.78 -25.52
C LYS A 183 -15.36 -2.25 -24.18
N ASN A 184 -16.04 -3.08 -23.41
CA ASN A 184 -16.63 -2.67 -22.15
C ASN A 184 -16.24 -3.60 -21.03
N TYR A 185 -14.98 -3.50 -20.60
CA TYR A 185 -14.57 -4.26 -19.42
C TYR A 185 -15.35 -3.67 -18.25
N LYS A 186 -15.90 -4.54 -17.41
CA LYS A 186 -16.76 -4.09 -16.33
C LYS A 186 -16.49 -4.80 -15.01
N ALA A 187 -15.96 -4.06 -14.04
CA ALA A 187 -15.71 -4.55 -12.69
C ALA A 187 -15.72 -3.39 -11.70
N PRO A 188 -15.83 -3.69 -10.38
CA PRO A 188 -15.72 -2.61 -9.39
C PRO A 188 -14.46 -1.73 -9.53
N TYR A 189 -13.33 -2.35 -9.85
CA TYR A 189 -12.02 -1.68 -9.97
C TYR A 189 -11.78 -0.94 -11.31
N TYR A 190 -12.54 -1.28 -12.36
CA TYR A 190 -12.37 -0.66 -13.68
C TYR A 190 -13.57 -0.84 -14.61
N LYS A 191 -14.01 0.24 -15.22
CA LYS A 191 -14.98 0.22 -16.32
C LYS A 191 -14.37 0.99 -17.48
N GLY A 192 -14.30 0.36 -18.65
CA GLY A 192 -13.72 0.99 -19.85
C GLY A 192 -13.10 -0.05 -20.77
N PRO A 193 -12.43 0.40 -21.86
CA PRO A 193 -11.87 -0.53 -22.81
C PRO A 193 -10.64 -1.25 -22.27
N ALA A 194 -10.42 -2.48 -22.71
CA ALA A 194 -9.27 -3.29 -22.28
C ALA A 194 -8.77 -4.18 -23.39
N ALA A 195 -7.59 -4.75 -23.19
CA ALA A 195 -6.99 -5.65 -24.15
C ALA A 195 -6.43 -6.88 -23.43
N LYS A 196 -6.81 -8.06 -23.91
CA LYS A 196 -6.23 -9.31 -23.48
C LYS A 196 -5.08 -9.62 -24.42
N LEU A 197 -3.87 -9.71 -23.88
CA LEU A 197 -2.66 -9.93 -24.66
C LEU A 197 -2.00 -11.23 -24.25
N GLY A 198 -1.67 -12.09 -25.22
CA GLY A 198 -0.88 -13.29 -24.96
C GLY A 198 0.53 -13.00 -24.41
N ALA A 199 1.10 -14.00 -23.74
CA ALA A 199 2.38 -13.86 -23.02
C ALA A 199 3.54 -13.36 -23.89
N GLY A 200 3.51 -13.69 -25.17
CA GLY A 200 4.55 -13.30 -26.11
C GLY A 200 4.43 -11.94 -26.79
N VAL A 201 3.35 -11.22 -26.53
CA VAL A 201 3.09 -9.96 -27.21
C VAL A 201 4.16 -8.95 -26.82
N GLU A 202 4.82 -8.36 -27.81
CA GLU A 202 5.86 -7.37 -27.57
C GLU A 202 5.28 -5.96 -27.72
N GLY A 203 6.06 -4.97 -27.29
CA GLY A 203 5.63 -3.58 -27.30
C GLY A 203 5.04 -3.14 -28.64
N PHE A 204 5.78 -3.40 -29.72
CA PHE A 204 5.35 -2.98 -31.05
C PHE A 204 4.00 -3.59 -31.47
N GLU A 205 3.78 -4.84 -31.07
CA GLU A 205 2.53 -5.54 -31.35
C GLU A 205 1.37 -4.99 -30.52
N ALA A 206 1.64 -4.69 -29.25
CA ALA A 206 0.65 -4.08 -28.37
C ALA A 206 0.26 -2.69 -28.85
N TYR A 207 1.25 -1.93 -29.31
CA TYR A 207 1.00 -0.57 -29.82
C TYR A 207 0.21 -0.58 -31.12
N ALA A 208 0.57 -1.49 -32.03
CA ALA A 208 -0.18 -1.64 -33.28
C ALA A 208 -1.66 -2.01 -33.01
N MET A 209 -1.87 -2.95 -32.09
CA MET A 209 -3.22 -3.40 -31.71
C MET A 209 -4.02 -2.29 -31.05
N ALA A 210 -3.41 -1.60 -30.09
CA ALA A 210 -4.09 -0.49 -29.38
C ALA A 210 -4.45 0.64 -30.34
N ASN A 211 -3.48 1.03 -31.15
CA ASN A 211 -3.68 2.08 -32.15
C ASN A 211 -4.80 1.77 -33.13
N SER A 212 -4.91 0.52 -33.57
CA SER A 212 -5.93 0.13 -34.55
C SER A 212 -7.36 0.43 -34.12
N THR A 213 -7.63 0.48 -32.81
CA THR A 213 -8.94 0.87 -32.27
C THR A 213 -9.00 2.30 -31.70
N GLY A 214 -7.97 3.10 -31.93
CA GLY A 214 -7.88 4.45 -31.37
C GLY A 214 -7.64 4.47 -29.87
N HIS A 215 -6.81 3.55 -29.39
CA HIS A 215 -6.39 3.53 -28.00
C HIS A 215 -4.88 3.54 -27.85
N ARG A 216 -4.44 3.74 -26.61
CA ARG A 216 -3.05 3.64 -26.19
C ARG A 216 -2.94 2.60 -25.09
N ILE A 217 -1.74 2.05 -24.95
CA ILE A 217 -1.43 1.14 -23.87
C ILE A 217 -0.07 1.49 -23.26
N VAL A 218 0.03 1.31 -21.95
CA VAL A 218 1.24 1.59 -21.21
C VAL A 218 2.24 0.46 -21.45
N GLY A 219 3.36 0.82 -22.09
CA GLY A 219 4.42 -0.14 -22.39
C GLY A 219 5.77 0.53 -22.41
N GLY A 220 6.81 -0.28 -22.57
CA GLY A 220 8.20 0.19 -22.47
C GLY A 220 8.69 0.98 -23.65
N THR A 221 9.86 1.58 -23.47
CA THR A 221 10.48 2.40 -24.50
C THR A 221 11.17 1.53 -25.57
N CYS A 222 11.56 0.32 -25.20
CA CYS A 222 12.22 -0.58 -26.15
C CYS A 222 11.14 -1.48 -26.82
N PRO A 223 10.91 -1.33 -28.15
CA PRO A 223 9.73 -1.97 -28.78
C PRO A 223 9.67 -3.51 -28.78
N THR A 224 10.83 -4.17 -28.81
CA THR A 224 10.87 -5.64 -28.71
C THR A 224 10.59 -6.20 -27.31
N VAL A 225 10.56 -5.35 -26.28
CA VAL A 225 10.32 -5.82 -24.90
C VAL A 225 8.94 -6.47 -24.78
N GLY A 226 8.91 -7.59 -24.07
CA GLY A 226 7.69 -8.35 -23.82
C GLY A 226 6.83 -7.71 -22.77
N ILE A 227 5.80 -7.00 -23.21
CA ILE A 227 4.92 -6.22 -22.34
C ILE A 227 4.18 -7.07 -21.27
N VAL A 228 3.89 -8.33 -21.58
CA VAL A 228 3.16 -9.23 -20.68
C VAL A 228 4.10 -9.98 -19.74
N GLY A 229 5.39 -10.03 -20.07
CA GLY A 229 6.36 -10.77 -19.29
C GLY A 229 6.96 -9.96 -18.17
N GLY A 230 8.28 -9.96 -18.09
CA GLY A 230 9.01 -9.29 -17.00
C GLY A 230 8.78 -7.79 -16.88
N TYR A 231 8.42 -7.15 -17.99
CA TYR A 231 8.14 -5.72 -18.01
C TYR A 231 7.01 -5.33 -17.05
N THR A 232 5.79 -5.79 -17.33
CA THR A 232 4.65 -5.51 -16.45
C THR A 232 4.79 -6.20 -15.08
N GLN A 233 5.28 -7.44 -15.08
CA GLN A 233 5.37 -8.20 -13.83
C GLN A 233 6.34 -7.54 -12.85
N GLY A 234 7.39 -6.89 -13.35
CA GLY A 234 8.36 -6.17 -12.53
C GLY A 234 8.05 -4.70 -12.27
N GLY A 235 6.97 -4.19 -12.88
CA GLY A 235 6.51 -2.82 -12.70
C GLY A 235 6.27 -2.21 -14.06
N GLY A 236 7.36 -1.83 -14.72
CA GLY A 236 7.33 -1.37 -16.11
C GLY A 236 7.02 0.11 -16.26
N HIS A 237 8.05 0.93 -16.43
CA HIS A 237 7.85 2.36 -16.67
C HIS A 237 7.70 2.63 -18.16
N SER A 238 7.15 3.80 -18.45
CA SER A 238 6.67 4.16 -19.77
C SER A 238 6.65 5.68 -19.84
N ILE A 239 6.76 6.22 -21.05
CA ILE A 239 6.59 7.67 -21.27
C ILE A 239 5.14 8.14 -21.03
N LEU A 240 4.21 7.18 -21.05
CA LEU A 240 2.83 7.42 -20.64
C LEU A 240 2.55 7.23 -19.14
N SER A 241 3.59 6.96 -18.33
CA SER A 241 3.39 6.72 -16.90
C SER A 241 2.84 7.92 -16.13
N SER A 242 3.27 9.13 -16.48
CA SER A 242 2.73 10.32 -15.85
C SER A 242 1.24 10.49 -16.08
N SER A 243 0.74 9.99 -17.22
CA SER A 243 -0.69 9.98 -17.50
C SER A 243 -1.45 8.82 -16.86
N TYR A 244 -0.91 7.60 -16.96
CA TYR A 244 -1.67 6.37 -16.68
C TYR A 244 -1.07 5.44 -15.62
N GLY A 245 0.02 5.85 -14.99
CA GLY A 245 0.72 5.04 -14.00
C GLY A 245 1.66 4.01 -14.59
N VAL A 246 2.19 3.17 -13.71
CA VAL A 246 3.13 2.12 -14.05
C VAL A 246 2.34 1.02 -14.79
N ALA A 247 3.01 0.22 -15.62
CA ALA A 247 2.31 -0.83 -16.36
C ALA A 247 1.54 -1.79 -15.44
N ALA A 248 2.17 -2.16 -14.33
CA ALA A 248 1.54 -2.97 -13.28
C ALA A 248 0.23 -2.38 -12.76
N ASP A 249 0.15 -1.04 -12.67
CA ASP A 249 -1.07 -0.34 -12.28
C ASP A 249 -2.25 -0.57 -13.23
N ASN A 250 -1.94 -0.87 -14.50
CA ASN A 250 -2.93 -1.05 -15.56
C ASN A 250 -3.39 -2.46 -15.82
N VAL A 251 -2.93 -3.42 -15.00
CA VAL A 251 -3.31 -4.82 -15.19
C VAL A 251 -4.66 -5.04 -14.53
N LEU A 252 -5.56 -5.65 -15.28
CA LEU A 252 -6.87 -6.07 -14.79
C LEU A 252 -6.89 -7.55 -14.40
N GLU A 253 -6.26 -8.39 -15.21
CA GLU A 253 -6.22 -9.84 -14.97
C GLU A 253 -4.90 -10.44 -15.42
N TRP A 254 -4.53 -11.54 -14.76
CA TRP A 254 -3.43 -12.39 -15.18
C TRP A 254 -3.97 -13.79 -15.38
N GLU A 255 -3.74 -14.38 -16.55
CA GLU A 255 -4.06 -15.78 -16.80
C GLU A 255 -2.77 -16.57 -16.58
N VAL A 256 -2.80 -17.57 -15.70
CA VAL A 256 -1.60 -18.28 -15.30
C VAL A 256 -1.74 -19.82 -15.23
N VAL A 257 -0.58 -20.47 -15.15
CA VAL A 257 -0.47 -21.87 -14.75
C VAL A 257 0.45 -21.89 -13.53
N THR A 258 -0.02 -22.50 -12.43
CA THR A 258 0.77 -22.59 -11.21
C THR A 258 1.75 -23.74 -11.30
N ALA A 259 2.68 -23.78 -10.35
CA ALA A 259 3.67 -24.85 -10.25
C ALA A 259 3.02 -26.25 -10.26
N ASP A 260 1.90 -26.41 -9.58
CA ASP A 260 1.19 -27.71 -9.56
C ASP A 260 0.20 -27.91 -10.72
N GLY A 261 0.32 -27.11 -11.78
CA GLY A 261 -0.45 -27.31 -13.01
C GLY A 261 -1.84 -26.67 -13.10
N ARG A 262 -2.29 -25.95 -12.06
CA ARG A 262 -3.61 -25.30 -12.10
C ARG A 262 -3.63 -24.10 -13.05
N HIS A 263 -4.61 -24.11 -13.95
CA HIS A 263 -4.88 -23.03 -14.86
C HIS A 263 -5.78 -22.01 -14.15
N LEU A 264 -5.21 -20.91 -13.68
CA LEU A 264 -5.95 -19.92 -12.89
C LEU A 264 -6.02 -18.56 -13.56
N VAL A 265 -6.95 -17.75 -13.07
CA VAL A 265 -7.08 -16.35 -13.43
C VAL A 265 -6.97 -15.55 -12.13
N ALA A 266 -6.03 -14.60 -12.09
CA ALA A 266 -5.83 -13.77 -10.92
C ALA A 266 -6.23 -12.34 -11.23
N THR A 267 -7.17 -11.81 -10.44
CA THR A 267 -7.65 -10.44 -10.54
C THR A 267 -7.62 -9.83 -9.12
N PRO A 268 -7.96 -8.53 -8.98
CA PRO A 268 -8.12 -7.92 -7.66
C PRO A 268 -9.22 -8.53 -6.77
N THR A 269 -10.13 -9.31 -7.35
CA THR A 269 -11.19 -10.00 -6.59
C THR A 269 -11.23 -11.53 -6.76
N ARG A 270 -10.22 -12.12 -7.41
CA ARG A 270 -10.13 -13.58 -7.58
C ARG A 270 -8.65 -13.97 -7.52
N ASN A 271 -8.29 -14.91 -6.63
CA ASN A 271 -6.88 -15.25 -6.36
C ASN A 271 -6.06 -13.96 -6.24
N SER A 272 -6.58 -13.04 -5.45
CA SER A 272 -6.11 -11.66 -5.45
C SER A 272 -4.72 -11.48 -4.84
N ASP A 273 -4.31 -12.39 -3.95
CA ASP A 273 -2.95 -12.44 -3.46
C ASP A 273 -1.96 -12.73 -4.59
N LEU A 274 -2.30 -13.65 -5.49
CA LEU A 274 -1.50 -13.89 -6.70
C LEU A 274 -1.50 -12.69 -7.64
N TYR A 275 -2.66 -12.03 -7.79
CA TYR A 275 -2.76 -10.81 -8.59
C TYR A 275 -1.78 -9.76 -8.06
N TRP A 276 -1.81 -9.58 -6.74
CA TRP A 276 -0.99 -8.59 -6.03
C TRP A 276 0.50 -8.82 -6.28
N ALA A 277 0.91 -10.07 -6.19
CA ALA A 277 2.30 -10.46 -6.36
C ALA A 277 2.76 -10.29 -7.80
N LEU A 278 1.94 -10.74 -8.75
CA LEU A 278 2.28 -10.63 -10.18
C LEU A 278 2.35 -9.19 -10.67
N SER A 279 1.54 -8.30 -10.07
CA SER A 279 1.49 -6.90 -10.46
C SER A 279 2.58 -6.09 -9.74
N GLY A 280 3.84 -6.36 -10.05
CA GLY A 280 4.99 -5.64 -9.48
C GLY A 280 6.02 -6.46 -8.73
N GLY A 281 5.73 -7.74 -8.45
CA GLY A 281 6.62 -8.58 -7.63
C GLY A 281 7.73 -9.26 -8.42
N GLY A 282 7.74 -9.07 -9.73
CA GLY A 282 8.79 -9.59 -10.60
C GLY A 282 8.38 -10.91 -11.23
N GLY A 283 8.87 -11.13 -12.45
CA GLY A 283 8.50 -12.30 -13.22
C GLY A 283 9.31 -13.52 -12.87
N GLY A 284 8.86 -14.66 -13.38
CA GLY A 284 9.60 -15.92 -13.30
C GLY A 284 9.65 -16.60 -11.93
N THR A 285 8.79 -16.18 -11.00
CA THR A 285 8.79 -16.77 -9.64
C THR A 285 7.43 -17.20 -9.08
N PHE A 286 6.35 -16.47 -9.35
CA PHE A 286 5.03 -16.81 -8.79
C PHE A 286 4.25 -17.84 -9.59
N ALA A 287 4.24 -17.69 -10.91
CA ALA A 287 3.49 -18.60 -11.79
C ALA A 287 3.90 -18.38 -13.23
N VAL A 288 3.44 -19.23 -14.13
CA VAL A 288 3.66 -19.06 -15.57
C VAL A 288 2.50 -18.27 -16.12
N VAL A 289 2.78 -17.08 -16.67
CA VAL A 289 1.74 -16.24 -17.25
C VAL A 289 1.51 -16.69 -18.69
N LEU A 290 0.24 -16.92 -19.03
CA LEU A 290 -0.20 -17.16 -20.42
C LEU A 290 -0.76 -15.91 -21.10
N SER A 291 -1.42 -15.05 -20.33
CA SER A 291 -1.91 -13.79 -20.87
C SER A 291 -2.12 -12.77 -19.77
N MET A 292 -2.27 -11.51 -20.16
CA MET A 292 -2.74 -10.50 -19.25
C MET A 292 -3.82 -9.68 -19.94
N THR A 293 -4.69 -9.09 -19.13
CA THR A 293 -5.68 -8.16 -19.60
C THR A 293 -5.37 -6.83 -18.96
N ALA A 294 -5.23 -5.79 -19.79
CA ALA A 294 -4.75 -4.50 -19.35
C ALA A 294 -5.69 -3.40 -19.80
N ARG A 295 -5.69 -2.29 -19.07
CA ARG A 295 -6.52 -1.13 -19.42
C ARG A 295 -6.00 -0.50 -20.70
N LEU A 296 -6.91 -0.17 -21.61
CA LEU A 296 -6.61 0.70 -22.75
C LEU A 296 -7.06 2.12 -22.41
N HIS A 297 -6.45 3.10 -23.09
CA HIS A 297 -6.71 4.52 -22.83
C HIS A 297 -7.02 5.24 -24.15
N ARG A 298 -7.88 6.26 -24.10
CA ARG A 298 -8.29 6.98 -25.30
C ARG A 298 -7.06 7.64 -25.92
N ASP A 299 -6.93 7.49 -27.24
CA ASP A 299 -5.85 8.14 -28.00
C ASP A 299 -6.28 9.55 -28.40
N GLY A 300 -5.39 10.26 -29.08
CA GLY A 300 -5.59 11.65 -29.47
C GLY A 300 -4.23 12.26 -29.78
N ILE A 301 -4.16 13.57 -29.99
CA ILE A 301 -2.89 14.21 -30.30
C ILE A 301 -1.88 14.04 -29.16
N VAL A 302 -0.59 14.05 -29.51
CA VAL A 302 0.48 13.97 -28.50
C VAL A 302 1.55 15.01 -28.84
N GLY A 303 1.77 15.93 -27.91
CA GLY A 303 2.85 16.89 -27.98
C GLY A 303 4.19 16.25 -27.78
N GLY A 304 5.18 16.72 -28.51
CA GLY A 304 6.53 16.19 -28.43
C GLY A 304 7.54 17.30 -28.55
N THR A 305 8.76 17.02 -28.12
CA THR A 305 9.88 17.90 -28.46
C THR A 305 11.21 17.21 -28.26
N LEU A 306 12.20 17.66 -29.02
CA LEU A 306 13.60 17.46 -28.66
C LEU A 306 13.97 18.71 -27.87
N LEU A 307 14.51 18.54 -26.67
CA LEU A 307 15.09 19.65 -25.90
C LEU A 307 16.52 19.27 -25.52
N GLY A 308 17.49 19.97 -26.08
CA GLY A 308 18.91 19.64 -25.88
C GLY A 308 19.73 20.87 -25.54
N PHE A 309 20.73 20.67 -24.69
CA PHE A 309 21.69 21.73 -24.38
C PHE A 309 23.02 21.17 -23.92
N ASN A 310 24.05 22.00 -24.02
CA ASN A 310 25.43 21.59 -23.76
C ASN A 310 26.21 22.71 -23.06
N ASP A 311 27.46 22.43 -22.71
CA ASP A 311 28.31 23.35 -21.93
C ASP A 311 29.27 24.23 -22.76
N SER A 312 29.13 24.22 -24.09
CA SER A 312 30.16 24.76 -25.00
C SER A 312 30.35 26.25 -24.86
N ALA A 313 29.25 27.00 -24.75
CA ALA A 313 29.28 28.44 -24.55
C ALA A 313 29.56 28.85 -23.09
N VAL A 314 28.96 28.13 -22.16
CA VAL A 314 28.79 28.57 -20.77
C VAL A 314 29.68 27.86 -19.73
N GLY A 315 30.35 26.78 -20.13
CA GLY A 315 31.23 26.04 -19.23
C GLY A 315 30.50 24.96 -18.46
N ASN A 316 31.27 24.01 -17.93
CA ASN A 316 30.71 22.78 -17.34
C ASN A 316 29.95 23.00 -16.03
N GLU A 317 30.37 23.99 -15.23
CA GLU A 317 29.75 24.22 -13.92
C GLU A 317 28.31 24.70 -14.06
N VAL A 318 28.11 25.70 -14.92
CA VAL A 318 26.77 26.20 -15.21
C VAL A 318 25.92 25.12 -15.88
N TYR A 319 26.52 24.32 -16.78
CA TYR A 319 25.80 23.19 -17.39
C TYR A 319 25.18 22.30 -16.30
N TRP A 320 25.95 21.95 -15.27
CA TRP A 320 25.44 21.12 -14.18
C TRP A 320 24.43 21.82 -13.29
N GLU A 321 24.57 23.13 -13.10
CA GLU A 321 23.54 23.91 -12.43
C GLU A 321 22.24 23.92 -13.24
N ALA A 322 22.37 23.93 -14.57
CA ALA A 322 21.22 23.86 -15.48
C ALA A 322 20.55 22.47 -15.46
N VAL A 323 21.35 21.41 -15.37
CA VAL A 323 20.81 20.06 -15.19
C VAL A 323 20.05 19.99 -13.86
N ALA A 324 20.62 20.53 -12.78
CA ALA A 324 19.97 20.56 -11.47
C ALA A 324 18.64 21.33 -11.48
N ALA A 325 18.61 22.49 -12.14
CA ALA A 325 17.38 23.30 -12.24
C ALA A 325 16.35 22.65 -13.16
N PHE A 326 16.81 21.99 -14.21
CA PHE A 326 15.94 21.19 -15.09
C PHE A 326 15.20 20.12 -14.28
N HIS A 327 15.95 19.41 -13.44
CA HIS A 327 15.38 18.43 -12.54
C HIS A 327 14.35 19.04 -11.59
N ALA A 328 14.69 20.17 -10.98
CA ALA A 328 13.80 20.86 -10.03
C ALA A 328 12.55 21.48 -10.66
N LEU A 329 12.58 21.73 -11.97
CA LEU A 329 11.41 22.22 -12.71
C LEU A 329 10.41 21.13 -13.17
N LEU A 330 10.83 19.86 -13.09
CA LEU A 330 10.01 18.73 -13.56
C LEU A 330 8.65 18.52 -12.88
N PRO A 331 8.55 18.71 -11.54
CA PRO A 331 7.28 18.46 -10.85
C PRO A 331 5.98 18.96 -11.53
N ASP A 332 5.86 20.26 -11.80
CA ASP A 332 4.63 20.81 -12.43
C ASP A 332 4.36 20.20 -13.81
N PHE A 333 5.43 19.97 -14.56
CA PHE A 333 5.38 19.34 -15.88
C PHE A 333 4.86 17.91 -15.76
N LEU A 334 5.40 17.15 -14.82
CA LEU A 334 5.03 15.74 -14.64
C LEU A 334 3.62 15.56 -14.09
N ASP A 335 3.23 16.42 -13.14
CA ASP A 335 1.88 16.40 -12.56
C ASP A 335 0.76 16.75 -13.55
N GLY A 336 1.11 17.35 -14.70
CA GLY A 336 0.17 17.56 -15.79
C GLY A 336 -0.02 16.37 -16.73
N GLY A 337 0.65 15.25 -16.45
CA GLY A 337 0.54 14.03 -17.24
C GLY A 337 1.64 13.82 -18.27
N ASN A 338 2.67 14.66 -18.20
CA ASN A 338 3.72 14.71 -19.21
C ASN A 338 5.00 14.06 -18.69
N SER A 339 5.97 13.82 -19.59
CA SER A 339 7.24 13.18 -19.21
C SER A 339 8.40 13.56 -20.12
N PHE A 340 9.60 13.45 -19.56
CA PHE A 340 10.83 13.56 -20.30
C PHE A 340 11.60 12.26 -20.14
N THR A 341 12.11 11.74 -21.26
CA THR A 341 13.14 10.71 -21.26
C THR A 341 14.39 11.40 -21.83
N TYR A 342 15.48 11.35 -21.09
CA TYR A 342 16.65 12.13 -21.48
C TYR A 342 17.96 11.38 -21.24
N SER A 343 18.99 11.82 -21.97
CA SER A 343 20.33 11.24 -21.94
C SER A 343 21.27 12.24 -21.28
N VAL A 344 21.90 11.84 -20.18
CA VAL A 344 22.75 12.75 -19.41
C VAL A 344 24.22 12.46 -19.75
N GLY A 345 24.86 13.41 -20.44
CA GLY A 345 26.29 13.31 -20.78
C GLY A 345 27.14 14.20 -19.89
N ASN A 346 28.45 14.00 -19.98
CA ASN A 346 29.43 14.80 -19.23
C ASN A 346 29.41 16.29 -19.56
N ASN A 347 29.03 16.61 -20.80
CA ASN A 347 28.91 18.01 -21.25
C ASN A 347 27.62 18.37 -22.01
N SER A 348 26.65 17.45 -22.10
CA SER A 348 25.39 17.75 -22.79
C SER A 348 24.24 16.84 -22.40
N LEU A 349 23.03 17.39 -22.49
CA LEU A 349 21.81 16.68 -22.16
C LEU A 349 20.84 16.79 -23.34
N THR A 350 20.29 15.66 -23.75
CA THR A 350 19.30 15.61 -24.83
C THR A 350 18.05 14.91 -24.29
N ALA A 351 16.94 15.66 -24.26
CA ALA A 351 15.68 15.20 -23.71
C ALA A 351 14.64 15.06 -24.80
N TYR A 352 13.71 14.12 -24.60
CA TYR A 352 12.61 13.90 -25.51
C TYR A 352 11.34 14.01 -24.69
N GLY A 353 10.52 15.02 -25.02
CA GLY A 353 9.31 15.33 -24.25
C GLY A 353 8.10 14.60 -24.79
N THR A 354 7.28 14.08 -23.89
CA THR A 354 6.01 13.48 -24.25
C THR A 354 4.90 14.21 -23.50
N MET A 355 3.98 14.81 -24.25
CA MET A 355 2.95 15.68 -23.68
C MET A 355 1.59 15.31 -24.26
N PRO A 356 0.94 14.26 -23.69
CA PRO A 356 -0.34 13.78 -24.22
C PRO A 356 -1.42 14.85 -24.26
N GLY A 357 -2.05 15.00 -25.43
CA GLY A 357 -3.13 15.96 -25.63
C GLY A 357 -2.72 17.42 -25.72
N ALA A 358 -1.42 17.70 -25.72
CA ALA A 358 -0.92 19.06 -25.78
C ALA A 358 -0.84 19.51 -27.23
N ASP A 359 -1.66 20.50 -27.62
CA ASP A 359 -1.49 21.18 -28.93
C ASP A 359 -0.23 22.07 -28.88
N ARG A 360 0.11 22.71 -30.00
CA ARG A 360 1.35 23.49 -30.12
C ARG A 360 1.46 24.62 -29.08
N ASP A 361 0.36 25.35 -28.89
CA ASP A 361 0.31 26.42 -27.86
C ASP A 361 0.62 25.84 -26.48
N ALA A 362 0.01 24.69 -26.18
CA ALA A 362 0.21 24.04 -24.88
C ALA A 362 1.62 23.47 -24.72
N VAL A 363 2.20 22.92 -25.80
CA VAL A 363 3.59 22.46 -25.75
C VAL A 363 4.51 23.62 -25.39
N ASP A 364 4.34 24.77 -26.05
CA ASP A 364 5.16 25.94 -25.77
C ASP A 364 5.02 26.38 -24.31
N ARG A 365 3.79 26.45 -23.81
CA ARG A 365 3.51 26.79 -22.40
C ARG A 365 4.14 25.83 -21.39
N LEU A 366 4.15 24.54 -21.69
CA LEU A 366 4.78 23.53 -20.83
C LEU A 366 6.30 23.60 -20.81
N LEU A 367 6.89 23.91 -21.97
CA LEU A 367 8.34 24.03 -22.09
C LEU A 367 8.88 25.39 -21.61
N ARG A 368 8.05 26.42 -21.58
CA ARG A 368 8.49 27.79 -21.26
C ARG A 368 9.34 27.96 -19.99
N PRO A 369 8.93 27.35 -18.86
CA PRO A 369 9.78 27.43 -17.65
C PRO A 369 11.19 26.85 -17.86
N PHE A 370 11.28 25.73 -18.58
CA PHE A 370 12.57 25.08 -18.85
C PHE A 370 13.42 25.95 -19.75
N LEU A 371 12.81 26.56 -20.77
CA LEU A 371 13.53 27.42 -21.72
C LEU A 371 13.90 28.76 -21.08
N ASP A 372 13.03 29.30 -20.22
CA ASP A 372 13.34 30.54 -19.48
C ASP A 372 14.51 30.34 -18.53
N ASP A 373 14.57 29.19 -17.87
CA ASP A 373 15.67 28.90 -16.97
C ASP A 373 17.00 28.79 -17.71
N LEU A 374 17.01 28.07 -18.82
CA LEU A 374 18.22 27.91 -19.62
C LEU A 374 18.67 29.23 -20.21
N ALA A 375 17.71 30.06 -20.62
CA ALA A 375 18.02 31.41 -21.13
C ALA A 375 18.68 32.27 -20.07
N SER A 376 18.21 32.17 -18.82
CA SER A 376 18.78 32.95 -17.71
C SER A 376 20.19 32.53 -17.31
N ARG A 377 20.63 31.34 -17.72
CA ARG A 377 21.99 30.87 -17.48
C ARG A 377 22.93 31.06 -18.68
N GLY A 378 22.50 31.79 -19.70
CA GLY A 378 23.30 32.03 -20.91
C GLY A 378 23.25 30.93 -21.97
N ILE A 379 22.43 29.90 -21.75
CA ILE A 379 22.37 28.74 -22.64
C ILE A 379 21.32 28.94 -23.74
N THR A 380 21.71 28.68 -24.99
CA THR A 380 20.79 28.62 -26.13
C THR A 380 20.53 27.15 -26.48
N PRO A 381 19.38 26.60 -26.01
CA PRO A 381 19.14 25.17 -26.27
C PRO A 381 18.66 24.87 -27.70
N VAL A 382 18.78 23.61 -28.10
CA VAL A 382 18.12 23.12 -29.31
C VAL A 382 16.72 22.67 -28.90
N VAL A 383 15.70 23.29 -29.49
CA VAL A 383 14.29 23.03 -29.16
C VAL A 383 13.53 22.79 -30.45
N GLN A 384 12.94 21.62 -30.58
CA GLN A 384 12.25 21.23 -31.81
C GLN A 384 10.93 20.59 -31.43
N PRO A 385 9.91 21.40 -31.14
CA PRO A 385 8.62 20.84 -30.76
C PRO A 385 7.84 20.29 -31.95
N ARG A 386 6.89 19.41 -31.66
CA ARG A 386 5.95 18.91 -32.65
C ARG A 386 4.66 18.50 -31.97
N VAL A 387 3.60 18.31 -32.76
CA VAL A 387 2.37 17.66 -32.29
C VAL A 387 2.10 16.50 -33.24
N SER A 388 2.11 15.28 -32.68
CA SER A 388 1.78 14.10 -33.44
C SER A 388 0.27 13.86 -33.35
N THR A 389 -0.32 13.36 -34.43
CA THR A 389 -1.76 13.08 -34.50
C THR A 389 -2.20 11.98 -33.53
N ASN A 390 -1.34 10.99 -33.30
CA ASN A 390 -1.61 9.91 -32.36
C ASN A 390 -0.35 9.44 -31.64
N TYR A 391 -0.53 8.62 -30.61
CA TYR A 391 0.59 8.15 -29.79
C TYR A 391 1.59 7.24 -30.53
N TYR A 392 1.08 6.34 -31.38
CA TYR A 392 1.97 5.46 -32.16
C TYR A 392 3.01 6.26 -32.96
N ASP A 393 2.55 7.27 -33.70
CA ASP A 393 3.44 8.17 -34.45
C ASP A 393 4.42 8.88 -33.53
N HIS A 394 3.93 9.39 -32.40
CA HIS A 394 4.79 10.07 -31.43
C HIS A 394 5.92 9.16 -30.95
N PHE A 395 5.54 7.98 -30.47
CA PHE A 395 6.49 6.99 -29.97
C PHE A 395 7.60 6.70 -30.97
N PHE A 396 7.22 6.41 -32.21
CA PHE A 396 8.19 5.99 -33.22
C PHE A 396 8.92 7.14 -33.93
N THR A 397 8.50 8.39 -33.71
CA THR A 397 9.31 9.56 -34.10
C THR A 397 10.65 9.56 -33.37
N TYR A 398 10.59 9.33 -32.07
CA TYR A 398 11.75 9.43 -31.19
C TYR A 398 12.45 8.08 -30.93
N LEU A 399 11.69 6.98 -30.91
CA LEU A 399 12.22 5.65 -30.57
C LEU A 399 12.13 4.62 -31.72
N GLY A 400 12.20 5.10 -32.95
CA GLY A 400 12.08 4.26 -34.14
C GLY A 400 13.42 3.77 -34.66
N PRO A 401 13.47 3.25 -35.89
CA PRO A 401 12.31 3.15 -36.81
C PRO A 401 11.33 2.02 -36.45
N ALA A 402 10.06 2.24 -36.76
CA ALA A 402 9.02 1.23 -36.56
C ALA A 402 9.27 0.02 -37.47
N PRO A 403 8.90 -1.20 -37.05
CA PRO A 403 8.25 -1.47 -35.75
C PRO A 403 9.21 -1.82 -34.61
N TYR A 404 10.46 -2.17 -34.94
CA TYR A 404 11.36 -2.85 -33.99
C TYR A 404 12.32 -1.94 -33.22
N GLY A 405 12.46 -0.69 -33.66
CA GLY A 405 13.43 0.22 -33.07
C GLY A 405 14.86 -0.22 -33.30
N ASN A 406 15.76 0.36 -32.51
CA ASN A 406 17.19 0.13 -32.66
C ASN A 406 17.87 0.23 -31.29
N ALA A 407 17.24 -0.39 -30.29
CA ALA A 407 17.68 -0.25 -28.90
C ALA A 407 18.92 -1.12 -28.62
N ALA A 408 20.02 -0.44 -28.30
CA ALA A 408 21.29 -1.10 -27.97
C ALA A 408 21.17 -1.87 -26.65
N TYR A 409 21.83 -3.02 -26.59
CA TYR A 409 21.82 -3.82 -25.37
C TYR A 409 23.11 -3.59 -24.58
N PHE A 410 22.96 -2.93 -23.43
CA PHE A 410 24.04 -2.69 -22.48
C PHE A 410 23.89 -3.66 -21.29
N PRO A 411 24.75 -4.70 -21.21
CA PRO A 411 24.52 -5.77 -20.24
C PRO A 411 24.93 -5.49 -18.79
N PHE A 412 25.48 -4.30 -18.53
CA PHE A 412 25.77 -3.87 -17.15
C PHE A 412 24.85 -2.70 -16.82
N THR A 413 23.56 -2.98 -16.79
CA THR A 413 22.55 -1.97 -16.51
C THR A 413 22.27 -1.96 -15.01
N ASN A 414 22.35 -0.76 -14.45
CA ASN A 414 22.04 -0.48 -13.05
C ASN A 414 20.94 0.55 -13.05
N SER A 415 20.32 0.78 -11.89
CA SER A 415 19.26 1.78 -11.82
C SER A 415 19.03 2.33 -10.43
N ARG A 416 18.37 3.47 -10.40
CA ARG A 416 17.90 4.03 -9.16
C ARG A 416 16.59 4.76 -9.41
N ILE A 417 15.61 4.50 -8.55
CA ILE A 417 14.37 5.28 -8.51
C ILE A 417 14.62 6.36 -7.46
N ILE A 418 14.60 7.61 -7.90
CA ILE A 418 15.00 8.76 -7.09
C ILE A 418 13.75 9.50 -6.65
N PRO A 419 13.54 9.65 -5.31
CA PRO A 419 12.39 10.41 -4.80
C PRO A 419 12.36 11.88 -5.23
N ARG A 420 11.15 12.38 -5.52
CA ARG A 420 10.93 13.79 -5.83
C ARG A 420 11.52 14.67 -4.75
N SER A 421 11.34 14.30 -3.47
CA SER A 421 11.79 15.12 -2.33
C SER A 421 13.29 15.38 -2.32
N LEU A 422 14.08 14.43 -2.80
CA LEU A 422 15.52 14.66 -3.00
C LEU A 422 15.78 15.77 -4.02
N VAL A 423 14.98 15.80 -5.10
CA VAL A 423 15.16 16.78 -6.16
C VAL A 423 14.67 18.17 -5.77
N THR A 424 13.51 18.26 -5.10
CA THR A 424 12.91 19.56 -4.79
C THR A 424 13.59 20.31 -3.64
N ASP A 425 14.34 19.58 -2.81
CA ASP A 425 15.20 20.19 -1.80
C ASP A 425 16.58 20.38 -2.45
N PRO A 426 16.99 21.64 -2.70
CA PRO A 426 18.24 21.90 -3.45
C PRO A 426 19.53 21.43 -2.75
N LYS A 427 19.46 21.23 -1.44
CA LYS A 427 20.53 20.61 -0.65
C LYS A 427 20.75 19.14 -1.07
N SER A 428 19.71 18.31 -0.98
CA SER A 428 19.81 16.91 -1.41
C SER A 428 19.92 16.76 -2.93
N ASN A 429 19.39 17.73 -3.68
CA ASN A 429 19.50 17.71 -5.15
C ASN A 429 20.95 17.94 -5.61
N ALA A 430 21.73 18.67 -4.81
CA ALA A 430 23.15 18.84 -5.07
C ALA A 430 23.90 17.51 -5.02
N VAL A 431 23.53 16.65 -4.06
CA VAL A 431 24.08 15.28 -3.99
C VAL A 431 23.70 14.48 -5.25
N VAL A 432 22.44 14.62 -5.69
CA VAL A 432 21.95 13.96 -6.91
C VAL A 432 22.76 14.42 -8.13
N THR A 433 22.96 15.73 -8.26
CA THR A 433 23.77 16.28 -9.35
C THR A 433 25.23 15.82 -9.28
N ASP A 434 25.76 15.73 -8.06
CA ASP A 434 27.12 15.24 -7.84
C ASP A 434 27.25 13.75 -8.25
N LEU A 435 26.23 12.95 -7.95
CA LEU A 435 26.20 11.56 -8.43
C LEU A 435 26.27 11.52 -9.96
N PHE A 436 25.43 12.31 -10.61
CA PHE A 436 25.34 12.28 -12.08
C PHE A 436 26.66 12.71 -12.71
N ARG A 437 27.25 13.78 -12.17
CA ARG A 437 28.56 14.25 -12.63
C ARG A 437 29.63 13.16 -12.47
N ASN A 438 29.67 12.50 -11.30
CA ASN A 438 30.63 11.42 -11.06
C ASN A 438 30.47 10.27 -12.08
N ILE A 439 29.23 9.86 -12.33
CA ILE A 439 28.94 8.77 -13.28
C ILE A 439 29.26 9.19 -14.73
N SER A 440 28.94 10.44 -15.05
CA SER A 440 29.28 11.01 -16.36
C SER A 440 30.78 10.97 -16.70
N GLN A 441 31.65 10.89 -15.69
CA GLN A 441 33.10 10.78 -15.91
C GLN A 441 33.61 9.33 -16.10
N VAL A 442 32.73 8.32 -16.09
CA VAL A 442 33.15 6.92 -16.27
C VAL A 442 32.74 6.48 -17.70
N PRO A 443 33.72 6.35 -18.62
CA PRO A 443 33.39 6.21 -20.06
C PRO A 443 32.42 5.10 -20.49
N ALA A 444 32.59 3.91 -19.92
CA ALA A 444 31.74 2.76 -20.30
C ALA A 444 30.26 2.92 -19.89
N PHE A 445 29.99 3.78 -18.89
CA PHE A 445 28.64 3.96 -18.35
C PHE A 445 28.07 5.35 -18.61
N SER A 446 28.55 6.00 -19.68
CA SER A 446 28.21 7.41 -19.96
C SER A 446 28.23 7.67 -21.47
N PRO A 447 27.25 8.41 -22.02
CA PRO A 447 26.10 8.97 -21.28
C PRO A 447 25.12 7.90 -20.81
N PHE A 448 24.11 8.30 -20.03
CA PHE A 448 23.07 7.34 -19.60
C PHE A 448 21.69 7.98 -19.62
N TYR A 449 20.68 7.14 -19.74
CA TYR A 449 19.30 7.59 -19.85
C TYR A 449 18.61 7.67 -18.50
N CYS A 450 17.73 8.66 -18.39
CA CYS A 450 16.78 8.81 -17.29
C CYS A 450 15.36 8.97 -17.83
N ASP A 451 14.39 8.37 -17.17
CA ASP A 451 12.98 8.66 -17.43
C ASP A 451 12.45 9.47 -16.25
N SER A 452 11.42 10.25 -16.49
CA SER A 452 10.81 11.05 -15.44
C SER A 452 9.31 10.80 -15.45
N PHE A 453 8.72 10.81 -14.26
CA PHE A 453 7.34 10.40 -14.10
C PHE A 453 6.76 10.90 -12.77
N SER A 454 5.44 11.02 -12.73
CA SER A 454 4.70 11.12 -11.49
C SER A 454 3.59 10.08 -11.56
N VAL A 455 3.69 9.07 -10.69
CA VAL A 455 2.71 7.96 -10.65
C VAL A 455 2.02 7.83 -9.30
N ALA A 456 1.98 8.94 -8.55
CA ALA A 456 1.21 9.03 -7.33
C ALA A 456 -0.19 9.52 -7.69
N ASP A 457 -1.13 9.33 -6.77
CA ASP A 457 -2.47 9.96 -6.86
C ASP A 457 -3.29 9.56 -8.11
N LYS A 458 -3.09 8.34 -8.61
CA LYS A 458 -3.88 7.81 -9.72
C LYS A 458 -4.60 6.55 -9.27
N PRO A 459 -5.76 6.24 -9.91
CA PRO A 459 -6.51 5.05 -9.52
C PRO A 459 -5.84 3.78 -10.02
N HIS A 460 -5.69 2.81 -9.12
CA HIS A 460 -5.21 1.48 -9.48
C HIS A 460 -5.59 0.50 -8.39
N PRO A 461 -5.71 -0.80 -8.74
CA PRO A 461 -5.93 -1.80 -7.71
C PRO A 461 -4.67 -1.99 -6.86
N ALA A 462 -4.85 -2.47 -5.64
CA ALA A 462 -3.73 -2.73 -4.74
C ALA A 462 -2.74 -3.68 -5.42
N ASN A 463 -1.47 -3.34 -5.36
CA ASN A 463 -0.43 -4.18 -5.96
C ASN A 463 0.89 -4.03 -5.19
N SER A 464 1.88 -4.84 -5.58
CA SER A 464 3.15 -4.98 -4.86
C SER A 464 4.29 -4.07 -5.35
N LEU A 465 3.96 -3.01 -6.10
CA LEU A 465 4.98 -2.04 -6.50
C LEU A 465 5.67 -1.42 -5.28
N HIS A 466 7.00 -1.35 -5.33
CA HIS A 466 7.80 -0.70 -4.29
C HIS A 466 7.21 0.68 -4.04
N PRO A 467 7.04 1.09 -2.77
CA PRO A 467 6.53 2.44 -2.47
C PRO A 467 7.31 3.60 -3.11
N ALA A 468 8.63 3.46 -3.22
CA ALA A 468 9.52 4.39 -3.94
C ALA A 468 9.03 4.83 -5.32
N TRP A 469 8.29 3.97 -6.02
CA TRP A 469 7.63 4.37 -7.27
C TRP A 469 6.70 5.57 -7.10
N ARG A 470 5.95 5.58 -6.00
CA ARG A 470 4.94 6.63 -5.74
C ARG A 470 5.58 7.95 -5.37
N THR A 471 6.61 7.91 -4.53
CA THR A 471 7.42 9.10 -4.19
C THR A 471 8.43 9.43 -5.28
N GLY A 472 8.67 8.50 -6.21
CA GLY A 472 9.68 8.66 -7.25
C GLY A 472 9.38 9.71 -8.28
N MET A 473 10.45 10.29 -8.83
CA MET A 473 10.35 11.25 -9.92
C MET A 473 11.26 10.89 -11.09
N LEU A 474 12.49 10.44 -10.81
CA LEU A 474 13.43 10.00 -11.82
C LEU A 474 13.71 8.51 -11.65
N LEU A 475 13.83 7.82 -12.79
CA LEU A 475 14.41 6.49 -12.85
C LEU A 475 15.58 6.54 -13.82
N CYS A 476 16.80 6.49 -13.28
CA CYS A 476 18.01 6.63 -14.08
C CYS A 476 18.78 5.31 -14.16
N ALA A 477 19.27 4.99 -15.35
CA ALA A 477 19.84 3.68 -15.63
C ALA A 477 21.24 3.80 -16.23
N PRO A 478 22.25 4.08 -15.37
CA PRO A 478 23.65 3.98 -15.81
C PRO A 478 23.95 2.57 -16.31
N ALA A 479 24.35 2.48 -17.57
CA ALA A 479 24.40 1.21 -18.26
C ALA A 479 25.75 1.03 -18.95
N GLY A 480 26.49 0.03 -18.50
CA GLY A 480 27.80 -0.29 -19.05
C GLY A 480 27.66 -1.08 -20.34
N SER A 481 28.40 -0.69 -21.37
CA SER A 481 28.42 -1.43 -22.63
C SER A 481 29.31 -2.66 -22.59
N TRP A 482 29.11 -3.55 -23.55
CA TRP A 482 29.95 -4.73 -23.74
C TRP A 482 31.01 -4.38 -24.79
N ASP A 483 32.21 -4.89 -24.60
CA ASP A 483 33.32 -4.72 -25.54
C ASP A 483 33.81 -6.11 -25.98
N TRP A 484 33.61 -6.45 -27.25
CA TRP A 484 34.00 -7.77 -27.78
C TRP A 484 35.51 -7.91 -28.00
N ASP A 485 36.22 -6.78 -28.07
CA ASP A 485 37.68 -6.75 -28.18
C ASP A 485 38.38 -6.84 -26.82
N ALA A 486 37.63 -6.70 -25.72
CA ALA A 486 38.17 -6.89 -24.37
C ALA A 486 38.27 -8.38 -24.03
N SER A 487 39.08 -8.70 -23.04
CA SER A 487 39.21 -10.06 -22.51
C SER A 487 37.98 -10.43 -21.67
N PRO A 488 37.72 -11.74 -21.50
CA PRO A 488 36.70 -12.17 -20.53
C PRO A 488 36.90 -11.63 -19.09
N GLU A 489 38.14 -11.56 -18.61
CA GLU A 489 38.40 -11.02 -17.26
C GLU A 489 38.00 -9.55 -17.14
N GLU A 490 38.24 -8.76 -18.21
CA GLU A 490 37.89 -7.34 -18.21
C GLU A 490 36.39 -7.14 -18.12
N MET A 491 35.64 -7.93 -18.88
CA MET A 491 34.19 -7.89 -18.81
C MET A 491 33.67 -8.38 -17.47
N ALA A 492 34.31 -9.38 -16.88
CA ALA A 492 33.96 -9.81 -15.52
C ALA A 492 34.25 -8.70 -14.52
N ALA A 493 35.38 -8.00 -14.68
CA ALA A 493 35.72 -6.89 -13.79
C ALA A 493 34.74 -5.72 -13.91
N ARG A 494 34.22 -5.48 -15.12
CA ARG A 494 33.21 -4.44 -15.32
C ARG A 494 31.88 -4.83 -14.67
N ASP A 495 31.52 -6.10 -14.82
CA ASP A 495 30.36 -6.67 -14.15
C ASP A 495 30.41 -6.40 -12.64
N ARG A 496 31.54 -6.77 -12.02
CA ARG A 496 31.76 -6.61 -10.58
C ARG A 496 31.76 -5.13 -10.18
N TYR A 497 32.40 -4.28 -10.98
CA TYR A 497 32.42 -2.84 -10.73
C TYR A 497 31.00 -2.26 -10.64
N ALA A 498 30.16 -2.65 -11.60
CA ALA A 498 28.77 -2.19 -11.60
C ALA A 498 28.06 -2.58 -10.32
N ALA A 499 28.26 -3.84 -9.91
CA ALA A 499 27.52 -4.41 -8.78
C ALA A 499 27.97 -3.86 -7.44
N GLU A 500 29.28 -3.82 -7.23
CA GLU A 500 29.81 -3.57 -5.89
C GLU A 500 30.39 -2.17 -5.70
N THR A 501 30.53 -1.38 -6.77
CA THR A 501 31.04 -0.01 -6.66
C THR A 501 30.00 1.02 -7.15
N LEU A 502 29.58 0.92 -8.40
CA LEU A 502 28.67 1.91 -9.00
C LEU A 502 27.27 1.91 -8.37
N GLN A 503 26.66 0.72 -8.24
CA GLN A 503 25.32 0.65 -7.66
C GLN A 503 25.25 1.14 -6.21
N PRO A 504 26.16 0.69 -5.33
CA PRO A 504 26.16 1.25 -3.97
C PRO A 504 26.41 2.76 -3.88
N MET A 505 27.17 3.31 -4.83
CA MET A 505 27.39 4.76 -4.93
C MET A 505 26.07 5.47 -5.26
N MET A 506 25.34 4.91 -6.21
CA MET A 506 24.01 5.41 -6.55
C MET A 506 23.04 5.33 -5.37
N ASP A 507 23.07 4.20 -4.65
CA ASP A 507 22.20 3.99 -3.48
C ASP A 507 22.46 5.04 -2.40
N ALA A 508 23.73 5.23 -2.04
CA ALA A 508 24.12 6.15 -0.96
C ALA A 508 23.82 7.64 -1.25
N ALA A 509 23.81 8.00 -2.53
CA ALA A 509 23.47 9.37 -2.95
C ALA A 509 21.96 9.63 -2.99
N THR A 510 21.15 8.58 -2.91
CA THR A 510 19.70 8.73 -3.07
C THR A 510 18.93 7.96 -1.99
N PRO A 511 19.11 8.34 -0.71
CA PRO A 511 18.36 7.68 0.37
C PRO A 511 16.86 7.90 0.23
N GLY A 512 16.08 6.87 0.56
CA GLY A 512 14.64 6.86 0.33
C GLY A 512 14.22 6.29 -1.00
N GLY A 513 15.16 6.17 -1.94
CA GLY A 513 14.89 5.56 -3.23
C GLY A 513 14.94 4.05 -3.19
N SER A 514 15.02 3.44 -4.37
CA SER A 514 15.14 2.01 -4.49
C SER A 514 15.80 1.67 -5.80
N VAL A 515 16.04 0.40 -6.03
CA VAL A 515 16.56 -0.07 -7.30
C VAL A 515 15.44 -0.80 -8.01
N TYR A 516 15.28 -0.50 -9.30
CA TYR A 516 14.29 -1.15 -10.14
C TYR A 516 14.75 -2.56 -10.46
N LEU A 517 13.97 -3.55 -10.03
CA LEU A 517 14.36 -4.96 -10.10
C LEU A 517 14.63 -5.45 -11.52
N ASN A 518 14.03 -4.79 -12.53
CA ASN A 518 14.30 -5.12 -13.94
C ASN A 518 15.59 -4.56 -14.52
N GLU A 519 16.19 -3.56 -13.84
CA GLU A 519 17.37 -2.87 -14.35
C GLU A 519 18.42 -2.79 -13.26
N ALA A 520 19.10 -3.91 -13.08
CA ALA A 520 20.10 -4.08 -12.05
C ALA A 520 21.05 -5.20 -12.40
N ASN A 521 22.09 -5.34 -11.59
CA ASN A 521 23.13 -6.31 -11.83
C ASN A 521 22.83 -7.58 -11.04
N HIS A 522 22.99 -8.73 -11.68
CA HIS A 522 22.82 -10.03 -11.01
C HIS A 522 23.66 -10.26 -9.73
N LEU A 523 24.81 -9.59 -9.62
CA LEU A 523 25.69 -9.69 -8.46
C LEU A 523 25.43 -8.68 -7.33
N TYR A 524 24.51 -7.73 -7.56
CA TYR A 524 24.12 -6.72 -6.56
C TYR A 524 23.66 -7.39 -5.28
N ALA A 525 24.42 -7.16 -4.21
CA ALA A 525 24.25 -7.90 -2.95
C ALA A 525 23.00 -7.54 -2.17
N ASN A 526 22.61 -6.26 -2.18
CA ASN A 526 21.49 -5.76 -1.40
C ASN A 526 20.13 -5.85 -2.13
N TRP A 527 19.99 -6.84 -3.01
CA TRP A 527 18.82 -6.97 -3.88
C TRP A 527 17.48 -7.04 -3.12
N LYS A 528 17.44 -7.81 -2.02
CA LYS A 528 16.19 -8.07 -1.32
C LYS A 528 15.57 -6.79 -0.79
N GLU A 529 16.37 -6.02 -0.06
CA GLU A 529 15.93 -4.73 0.47
C GLU A 529 15.60 -3.75 -0.65
N SER A 530 16.52 -3.56 -1.60
CA SER A 530 16.33 -2.52 -2.65
C SER A 530 15.22 -2.83 -3.66
N PHE A 531 15.03 -4.11 -4.00
CA PHE A 531 14.02 -4.49 -4.99
C PHE A 531 12.62 -4.51 -4.38
N TYR A 532 12.50 -5.08 -3.18
CA TYR A 532 11.19 -5.38 -2.59
C TYR A 532 10.82 -4.62 -1.33
N GLY A 533 11.81 -4.15 -0.57
CA GLY A 533 11.57 -3.43 0.67
C GLY A 533 10.58 -4.12 1.61
N ASP A 534 9.67 -3.32 2.19
CA ASP A 534 8.72 -3.81 3.18
C ASP A 534 7.67 -4.79 2.63
N ASN A 535 7.48 -4.82 1.31
CA ASN A 535 6.60 -5.81 0.68
C ASN A 535 7.12 -7.25 0.66
N TYR A 536 8.40 -7.47 0.98
CA TYR A 536 8.99 -8.82 0.81
C TYR A 536 8.28 -9.89 1.62
N ALA A 537 7.95 -9.58 2.88
CA ALA A 537 7.27 -10.54 3.76
C ALA A 537 6.01 -11.10 3.08
N ARG A 538 5.13 -10.21 2.62
CA ARG A 538 3.90 -10.62 1.95
C ARG A 538 4.18 -11.32 0.62
N LEU A 539 5.08 -10.76 -0.19
CA LEU A 539 5.47 -11.44 -1.42
C LEU A 539 5.91 -12.90 -1.19
N LEU A 540 6.73 -13.11 -0.17
CA LEU A 540 7.23 -14.44 0.19
C LEU A 540 6.11 -15.39 0.63
N ARG A 541 5.07 -14.87 1.30
CA ARG A 541 3.91 -15.69 1.68
C ARG A 541 3.14 -16.15 0.46
N VAL A 542 3.02 -15.29 -0.55
CA VAL A 542 2.37 -15.65 -1.81
C VAL A 542 3.22 -16.68 -2.55
N LYS A 543 4.55 -16.50 -2.55
CA LYS A 543 5.46 -17.46 -3.17
C LYS A 543 5.29 -18.85 -2.56
N LYS A 544 5.35 -18.92 -1.24
CA LYS A 544 5.23 -20.21 -0.55
C LYS A 544 3.85 -20.84 -0.73
N LYS A 545 2.81 -20.01 -0.82
CA LYS A 545 1.44 -20.51 -1.07
C LYS A 545 1.26 -21.11 -2.46
N TYR A 546 1.71 -20.43 -3.50
CA TYR A 546 1.53 -20.90 -4.87
C TYR A 546 2.66 -21.77 -5.42
N ASP A 547 3.83 -21.73 -4.78
CA ASP A 547 4.97 -22.54 -5.20
C ASP A 547 5.71 -23.04 -3.96
N PRO A 548 5.06 -23.91 -3.15
CA PRO A 548 5.69 -24.34 -1.90
C PRO A 548 6.98 -25.15 -2.06
N ASP A 549 7.14 -25.85 -3.19
CA ASP A 549 8.35 -26.66 -3.45
C ASP A 549 9.45 -25.91 -4.21
N SER A 550 9.19 -24.62 -4.51
CA SER A 550 10.15 -23.75 -5.19
C SER A 550 10.54 -24.27 -6.56
N VAL A 551 9.52 -24.65 -7.34
CA VAL A 551 9.71 -25.04 -8.73
C VAL A 551 10.32 -23.90 -9.55
N PHE A 552 9.92 -22.65 -9.26
CA PHE A 552 10.38 -21.49 -10.03
C PHE A 552 11.55 -20.81 -9.31
N TYR A 553 12.63 -20.59 -10.05
CA TYR A 553 13.78 -19.85 -9.52
C TYR A 553 14.24 -18.84 -10.54
N VAL A 554 14.50 -17.64 -10.06
CA VAL A 554 15.25 -16.63 -10.78
C VAL A 554 16.17 -15.91 -9.81
N LYS A 555 17.35 -15.55 -10.30
CA LYS A 555 18.31 -14.81 -9.49
C LYS A 555 17.66 -13.51 -9.05
N THR A 556 17.74 -13.24 -7.74
CA THR A 556 17.09 -12.08 -7.07
C THR A 556 15.56 -12.10 -6.98
N GLY A 557 14.94 -13.22 -7.37
CA GLY A 557 13.49 -13.37 -7.30
C GLY A 557 13.01 -13.55 -5.88
N VAL A 558 11.72 -13.31 -5.68
CA VAL A 558 11.11 -13.59 -4.38
C VAL A 558 11.27 -15.09 -4.12
N GLY A 559 11.82 -15.42 -2.95
CA GLY A 559 12.03 -16.82 -2.55
C GLY A 559 13.21 -17.51 -3.21
N SER A 560 14.03 -16.75 -3.93
CA SER A 560 15.20 -17.27 -4.64
C SER A 560 16.29 -17.78 -3.70
N GLU A 561 16.34 -17.22 -2.48
CA GLU A 561 17.26 -17.66 -1.43
C GLU A 561 17.23 -19.16 -1.11
N VAL A 562 16.12 -19.83 -1.44
CA VAL A 562 16.00 -21.30 -1.32
C VAL A 562 17.05 -22.04 -2.18
N TRP A 563 17.42 -21.48 -3.33
CA TRP A 563 18.40 -22.07 -4.23
C TRP A 563 19.69 -21.26 -4.30
N ASP A 564 20.79 -21.98 -4.54
CA ASP A 564 22.12 -21.41 -4.74
C ASP A 564 22.75 -22.09 -5.95
N VAL A 565 23.51 -21.32 -6.73
CA VAL A 565 24.24 -21.85 -7.88
C VAL A 565 25.67 -22.15 -7.42
N ASP A 566 26.16 -23.37 -7.68
CA ASP A 566 27.55 -23.72 -7.34
C ASP A 566 28.52 -23.29 -8.45
N ALA A 567 29.80 -23.66 -8.32
CA ALA A 567 30.83 -23.28 -9.30
C ALA A 567 30.55 -23.78 -10.72
N THR A 568 29.94 -24.96 -10.85
CA THR A 568 29.62 -25.55 -12.17
C THR A 568 28.36 -25.00 -12.85
N GLY A 569 27.58 -24.18 -12.15
CA GLY A 569 26.29 -23.73 -12.65
C GLY A 569 25.12 -24.63 -12.24
N ARG A 570 25.37 -25.58 -11.34
CA ARG A 570 24.31 -26.45 -10.84
C ARG A 570 23.48 -25.70 -9.79
N LEU A 571 22.17 -25.88 -9.85
CA LEU A 571 21.26 -25.27 -8.90
C LEU A 571 21.01 -26.23 -7.74
N CYS A 572 21.39 -25.80 -6.53
CA CYS A 572 21.28 -26.62 -5.33
C CYS A 572 20.52 -25.91 -4.22
N ARG A 573 19.81 -26.67 -3.39
CA ARG A 573 19.10 -26.09 -2.25
C ARG A 573 20.07 -25.60 -1.20
N ALA A 574 19.87 -24.38 -0.73
CA ALA A 574 20.75 -23.76 0.27
C ALA A 574 20.49 -24.34 1.66
N SER B 27 14.77 3.79 34.64
CA SER B 27 14.30 2.37 34.41
C SER B 27 12.76 2.16 34.55
N CYS B 28 12.13 2.75 35.56
CA CYS B 28 10.68 2.79 35.68
C CYS B 28 10.24 4.24 35.83
N ARG B 29 9.00 4.55 35.43
CA ARG B 29 8.42 5.87 35.69
C ARG B 29 8.16 6.07 37.18
N VAL B 30 8.24 7.31 37.64
CA VAL B 30 7.89 7.63 39.02
C VAL B 30 6.39 7.53 39.29
N LEU B 31 6.07 7.30 40.55
CA LEU B 31 4.71 7.24 41.07
C LEU B 31 4.68 8.06 42.37
N PRO B 32 3.49 8.57 42.75
CA PRO B 32 3.32 9.21 44.07
C PRO B 32 3.84 8.32 45.17
N GLY B 33 4.59 8.90 46.12
CA GLY B 33 5.20 8.12 47.20
C GLY B 33 6.69 7.90 47.00
N ASP B 34 7.16 7.88 45.75
CA ASP B 34 8.59 7.72 45.43
C ASP B 34 9.39 8.95 45.87
N ALA B 35 10.62 8.72 46.32
CA ALA B 35 11.54 9.84 46.64
C ALA B 35 11.67 10.83 45.47
N ALA B 36 11.68 10.32 44.22
CA ALA B 36 11.87 11.17 43.03
C ALA B 36 10.57 11.72 42.41
N TRP B 37 9.43 11.50 43.07
CA TRP B 37 8.17 12.11 42.67
C TRP B 37 8.31 13.62 42.85
N PRO B 38 7.88 14.41 41.85
CA PRO B 38 8.15 15.85 41.98
C PRO B 38 7.47 16.47 43.19
N SER B 39 8.18 17.40 43.84
CA SER B 39 7.69 18.11 45.01
C SER B 39 6.55 19.06 44.66
N SER B 40 5.88 19.59 45.69
CA SER B 40 4.81 20.57 45.49
C SER B 40 5.32 21.84 44.80
N ARG B 41 6.55 22.23 45.13
CA ARG B 41 7.21 23.36 44.45
C ARG B 41 7.47 23.10 42.96
N ASP B 42 7.90 21.88 42.62
CA ASP B 42 8.09 21.48 41.23
C ASP B 42 6.77 21.52 40.44
N TRP B 43 5.69 20.98 41.02
CA TRP B 43 4.37 21.04 40.39
C TRP B 43 3.87 22.47 40.23
N ALA B 44 4.06 23.28 41.28
CA ALA B 44 3.72 24.71 41.24
C ALA B 44 4.52 25.46 40.16
N LYS B 45 5.79 25.08 39.99
CA LYS B 45 6.63 25.64 38.93
C LYS B 45 6.06 25.29 37.56
N LEU B 46 5.66 24.03 37.37
CA LEU B 46 5.02 23.61 36.13
C LEU B 46 3.72 24.38 35.89
N ASN B 47 2.91 24.52 36.94
CA ASN B 47 1.64 25.25 36.85
C ASN B 47 1.87 26.71 36.45
N LYS B 48 2.91 27.34 37.00
CA LYS B 48 3.28 28.71 36.63
C LYS B 48 3.63 28.80 35.16
N THR B 49 4.46 27.87 34.68
CA THR B 49 4.79 27.78 33.26
C THR B 49 3.54 27.59 32.38
N LEU B 50 2.58 26.81 32.87
CA LEU B 50 1.31 26.55 32.16
C LEU B 50 0.20 27.61 32.36
N ASN B 51 0.54 28.73 32.99
CA ASN B 51 -0.41 29.84 33.22
C ASN B 51 -1.66 29.38 33.98
N GLY B 52 -1.44 28.60 35.02
CA GLY B 52 -2.52 28.10 35.86
C GLY B 52 -3.35 26.96 35.28
N HIS B 53 -2.85 26.26 34.26
CA HIS B 53 -3.64 25.21 33.59
C HIS B 53 -3.31 23.76 34.02
N LEU B 54 -2.64 23.61 35.14
CA LEU B 54 -2.44 22.28 35.77
C LEU B 54 -3.62 22.00 36.69
N ILE B 55 -4.18 20.80 36.58
CA ILE B 55 -5.33 20.39 37.39
C ILE B 55 -4.98 19.15 38.19
N ALA B 56 -5.03 19.25 39.52
CA ALA B 56 -4.93 18.06 40.39
C ALA B 56 -6.21 17.21 40.23
N THR B 57 -6.04 15.96 39.81
CA THR B 57 -7.17 15.16 39.30
C THR B 57 -8.20 14.86 40.40
N VAL B 58 -9.46 15.20 40.10
CA VAL B 58 -10.59 14.90 40.96
C VAL B 58 -11.59 14.14 40.11
N PRO B 59 -11.70 12.81 40.31
CA PRO B 59 -12.69 12.05 39.55
C PRO B 59 -14.08 12.64 39.69
N GLN B 60 -14.81 12.67 38.58
CA GLN B 60 -16.15 13.25 38.54
C GLN B 60 -17.10 12.66 39.61
N ALA B 61 -16.92 11.38 39.92
CA ALA B 61 -17.75 10.67 40.90
C ALA B 61 -17.28 10.79 42.35
N SER B 62 -16.38 11.72 42.65
CA SER B 62 -16.01 12.01 44.03
C SER B 62 -17.23 12.40 44.87
N VAL B 63 -18.19 13.10 44.25
CA VAL B 63 -19.43 13.48 44.92
C VAL B 63 -20.30 12.30 45.40
N CYS B 64 -19.93 11.08 44.97
CA CYS B 64 -20.57 9.86 45.42
C CYS B 64 -19.99 9.23 46.68
N HIS B 65 -18.97 9.87 47.27
CA HIS B 65 -18.25 9.28 48.36
C HIS B 65 -17.94 10.28 49.45
N LYS B 66 -17.94 9.79 50.69
CA LYS B 66 -17.79 10.63 51.88
C LYS B 66 -16.32 10.84 52.27
N SER B 67 -15.41 10.07 51.69
CA SER B 67 -14.04 10.07 52.06
C SER B 67 -13.13 9.96 50.82
N PRO B 68 -11.90 10.47 50.88
CA PRO B 68 -11.32 11.09 52.09
C PRO B 68 -11.49 12.61 52.20
N PHE B 69 -12.40 13.21 51.43
CA PHE B 69 -12.53 14.68 51.39
C PHE B 69 -13.83 15.27 51.91
N GLY B 70 -14.84 14.45 52.18
CA GLY B 70 -16.11 14.95 52.75
C GLY B 70 -16.97 15.73 51.75
N GLN B 71 -17.05 15.19 50.55
CA GLN B 71 -17.61 15.89 49.40
C GLN B 71 -18.94 15.25 48.90
N TYR B 72 -19.54 14.41 49.75
CA TYR B 72 -20.65 13.58 49.36
C TYR B 72 -21.85 14.45 49.13
N ASP B 73 -22.45 14.30 47.96
CA ASP B 73 -23.63 15.05 47.55
C ASP B 73 -24.53 14.00 46.89
N ALA B 74 -25.49 13.49 47.66
CA ALA B 74 -26.33 12.35 47.27
C ALA B 74 -27.07 12.57 45.97
N GLN B 75 -27.66 13.74 45.83
CA GLN B 75 -28.42 14.09 44.63
C GLN B 75 -27.55 14.33 43.40
N ALA B 76 -26.39 14.96 43.60
CA ALA B 76 -25.41 15.08 42.50
C ALA B 76 -24.94 13.68 42.08
N CYS B 77 -24.79 12.77 43.06
CA CYS B 77 -24.43 11.39 42.78
C CYS B 77 -25.48 10.64 41.96
N GLU B 78 -26.76 10.81 42.28
CA GLU B 78 -27.84 10.20 41.48
C GLU B 78 -27.86 10.69 40.03
N GLU B 79 -27.57 11.97 39.82
CA GLU B 79 -27.47 12.53 38.46
C GLU B 79 -26.39 11.82 37.64
N LEU B 80 -25.25 11.53 38.25
CA LEU B 80 -24.19 10.79 37.58
C LEU B 80 -24.61 9.36 37.26
N LYS B 81 -25.33 8.70 38.18
CA LYS B 81 -25.81 7.34 37.96
C LYS B 81 -26.70 7.21 36.74
N SER B 82 -27.61 8.17 36.57
CA SER B 82 -28.65 8.11 35.54
C SER B 82 -28.14 7.76 34.14
N SER B 83 -27.00 8.32 33.74
CA SER B 83 -26.44 8.09 32.38
C SER B 83 -24.94 7.76 32.41
N TRP B 84 -24.47 7.11 33.48
CA TRP B 84 -23.05 6.80 33.64
C TRP B 84 -22.53 5.86 32.56
N ASP B 85 -23.35 4.92 32.14
CA ASP B 85 -22.99 3.95 31.12
C ASP B 85 -23.29 4.42 29.68
N ILE B 86 -23.59 5.71 29.51
CA ILE B 86 -23.80 6.35 28.19
C ILE B 86 -22.64 7.33 27.91
N SER B 87 -22.31 7.49 26.63
CA SER B 87 -21.29 8.48 26.23
C SER B 87 -21.93 9.86 26.26
N THR B 88 -21.71 10.56 27.37
CA THR B 88 -22.31 11.86 27.63
C THR B 88 -21.26 12.95 27.53
N ILE B 89 -21.70 14.13 27.10
CA ILE B 89 -20.84 15.31 27.03
C ILE B 89 -20.38 15.68 28.45
N THR B 90 -21.25 15.48 29.44
CA THR B 90 -20.95 15.76 30.85
C THR B 90 -19.73 14.97 31.36
N HIS B 91 -19.64 13.70 30.97
CA HIS B 91 -18.52 12.86 31.37
C HIS B 91 -17.23 13.19 30.58
N VAL B 92 -17.40 13.39 29.27
CA VAL B 92 -16.29 13.77 28.38
C VAL B 92 -15.65 15.12 28.81
N ASN B 93 -16.47 16.06 29.31
CA ASN B 93 -15.97 17.35 29.83
C ASN B 93 -15.12 17.28 31.08
N ALA B 94 -15.13 16.15 31.79
CA ALA B 94 -14.33 15.99 33.02
C ALA B 94 -12.83 15.77 32.71
N PRO B 95 -11.94 16.56 33.36
CA PRO B 95 -10.51 16.52 33.05
C PRO B 95 -9.83 15.16 33.15
N GLY B 96 -9.99 14.49 34.28
CA GLY B 96 -9.24 13.28 34.57
C GLY B 96 -9.95 11.96 34.32
N ASP B 97 -11.18 12.01 33.81
CA ASP B 97 -12.02 10.83 33.68
C ASP B 97 -11.86 10.11 32.37
N VAL B 98 -12.36 8.88 32.36
CA VAL B 98 -12.41 8.04 31.17
C VAL B 98 -13.78 7.34 31.15
N LEU B 99 -14.29 7.03 29.96
CA LEU B 99 -15.63 6.43 29.85
C LEU B 99 -15.71 4.95 30.22
N SER B 100 -14.61 4.21 30.05
CA SER B 100 -14.60 2.78 30.33
C SER B 100 -14.77 2.45 31.82
N GLN B 101 -15.83 1.73 32.09
CA GLN B 101 -16.15 1.25 33.41
C GLN B 101 -15.06 0.29 33.89
N ASN B 102 -14.49 -0.47 32.97
CA ASN B 102 -13.41 -1.39 33.29
C ASN B 102 -12.17 -0.65 33.79
N PHE B 103 -11.80 0.43 33.12
CA PHE B 103 -10.62 1.19 33.53
C PHE B 103 -10.88 2.10 34.74
N GLN B 104 -12.12 2.52 34.94
CA GLN B 104 -12.52 3.15 36.19
C GLN B 104 -12.23 2.22 37.36
N ASN B 105 -12.53 0.94 37.18
CA ASN B 105 -12.09 -0.16 38.05
C ASN B 105 -12.46 0.05 39.52
N TYR B 106 -13.69 0.50 39.73
CA TYR B 106 -14.25 0.71 41.07
C TYR B 106 -13.52 1.71 41.96
N SER B 107 -12.59 2.50 41.39
CA SER B 107 -11.68 3.32 42.23
C SER B 107 -12.42 4.48 42.88
N CYS B 108 -13.23 5.14 42.05
CA CYS B 108 -14.12 6.21 42.46
C CYS B 108 -15.26 6.24 41.44
N VAL B 109 -16.29 5.43 41.69
CA VAL B 109 -17.43 5.28 40.77
C VAL B 109 -18.76 5.52 41.48
N PRO B 110 -19.83 5.81 40.71
CA PRO B 110 -21.12 6.07 41.34
C PRO B 110 -21.77 4.87 42.07
N PHE B 111 -21.45 3.66 41.65
CA PHE B 111 -22.23 2.49 42.06
C PHE B 111 -21.58 1.61 43.14
N THR B 112 -20.61 2.16 43.87
CA THR B 112 -20.15 1.55 45.13
C THR B 112 -20.68 2.43 46.25
N ASP B 113 -20.61 1.90 47.47
CA ASP B 113 -21.14 2.58 48.66
C ASP B 113 -20.45 3.92 48.88
N PRO B 114 -21.21 4.93 49.35
CA PRO B 114 -20.59 6.19 49.77
C PRO B 114 -19.42 6.05 50.75
N SER B 115 -19.46 5.05 51.63
CA SER B 115 -18.37 4.77 52.58
C SER B 115 -17.05 4.32 51.92
N GLN B 116 -17.11 3.79 50.69
CA GLN B 116 -15.90 3.37 49.99
C GLN B 116 -15.14 4.61 49.52
N PRO B 117 -13.85 4.74 49.86
CA PRO B 117 -13.16 5.98 49.53
C PRO B 117 -12.87 6.18 48.05
N CYS B 118 -13.02 7.41 47.61
CA CYS B 118 -12.66 7.84 46.28
C CYS B 118 -11.13 7.82 46.09
N GLN B 119 -10.66 6.99 45.16
CA GLN B 119 -9.23 6.92 44.80
C GLN B 119 -9.07 7.14 43.29
N LEU B 120 -7.87 7.57 42.89
CA LEU B 120 -7.55 7.79 41.49
C LEU B 120 -7.42 6.50 40.69
N GLY B 121 -6.78 5.50 41.29
CA GLY B 121 -6.56 4.22 40.60
C GLY B 121 -5.80 4.42 39.31
N ASN B 122 -6.47 4.10 38.20
CA ASN B 122 -5.88 4.22 36.88
C ASN B 122 -5.86 5.66 36.34
N TYR B 123 -6.58 6.57 36.98
CA TYR B 123 -6.63 7.97 36.56
C TYR B 123 -5.28 8.64 36.77
N PRO B 124 -4.93 9.60 35.90
CA PRO B 124 -3.67 10.31 36.07
C PRO B 124 -3.68 11.19 37.32
N SER B 125 -2.50 11.43 37.88
CA SER B 125 -2.40 12.29 39.09
C SER B 125 -2.61 13.78 38.79
N TYR B 126 -2.15 14.23 37.61
CA TYR B 126 -2.33 15.62 37.17
C TYR B 126 -2.73 15.67 35.71
N VAL B 127 -3.49 16.70 35.37
CA VAL B 127 -3.99 16.93 34.04
C VAL B 127 -3.53 18.32 33.60
N VAL B 128 -2.97 18.40 32.38
CA VAL B 128 -2.61 19.67 31.75
C VAL B 128 -3.77 20.09 30.82
N ASN B 129 -4.43 21.19 31.17
CA ASN B 129 -5.51 21.73 30.36
C ASN B 129 -4.87 22.49 29.18
N VAL B 130 -4.58 21.75 28.11
CA VAL B 130 -3.75 22.24 27.02
C VAL B 130 -4.46 23.34 26.22
N THR B 131 -3.81 24.50 26.11
CA THR B 131 -4.30 25.65 25.34
C THR B 131 -3.62 25.79 23.98
N GLY B 132 -2.45 25.16 23.82
CA GLY B 132 -1.73 25.18 22.55
C GLY B 132 -0.40 24.48 22.64
N ALA B 133 0.44 24.69 21.63
CA ALA B 133 1.75 24.03 21.53
C ALA B 133 2.66 24.25 22.74
N ALA B 134 2.70 25.45 23.29
CA ALA B 134 3.65 25.75 24.36
C ALA B 134 3.36 24.96 25.64
N ASP B 135 2.08 24.77 25.95
CA ASP B 135 1.69 23.97 27.12
C ASP B 135 2.21 22.55 26.96
N VAL B 136 2.09 21.99 25.76
CA VAL B 136 2.53 20.64 25.46
C VAL B 136 4.05 20.55 25.62
N GLN B 137 4.75 21.49 25.00
CA GLN B 137 6.22 21.56 25.07
C GLN B 137 6.73 21.61 26.52
N ALA B 138 6.08 22.43 27.34
CA ALA B 138 6.42 22.60 28.76
C ALA B 138 6.16 21.33 29.58
N ALA B 139 5.00 20.70 29.35
CA ALA B 139 4.66 19.43 30.02
C ALA B 139 5.61 18.30 29.62
N LEU B 140 5.93 18.20 28.34
CA LEU B 140 6.85 17.17 27.87
C LEU B 140 8.22 17.31 28.49
N LYS B 141 8.70 18.56 28.55
CA LYS B 141 10.01 18.86 29.07
C LYS B 141 10.07 18.54 30.56
N PHE B 142 9.07 19.00 31.30
CA PHE B 142 8.90 18.66 32.71
C PHE B 142 8.91 17.15 32.96
N ALA B 143 8.14 16.41 32.16
CA ALA B 143 7.99 14.96 32.35
C ALA B 143 9.29 14.21 32.10
N GLN B 144 10.04 14.62 31.08
CA GLN B 144 11.34 14.03 30.77
C GLN B 144 12.37 14.39 31.82
N LYS B 145 12.32 15.63 32.33
CA LYS B 145 13.17 16.09 33.41
C LYS B 145 12.94 15.29 34.71
N HIS B 146 11.68 15.04 35.06
CA HIS B 146 11.31 14.34 36.31
C HIS B 146 10.92 12.86 36.15
N ASN B 147 11.02 12.30 34.93
CA ASN B 147 10.74 10.87 34.68
C ASN B 147 9.28 10.48 34.96
N VAL B 148 8.37 11.38 34.63
CA VAL B 148 6.93 11.19 34.80
C VAL B 148 6.36 10.59 33.50
N ARG B 149 5.43 9.66 33.66
CA ARG B 149 4.71 9.07 32.56
C ARG B 149 3.76 10.10 31.92
N ILE B 150 3.92 10.31 30.62
CA ILE B 150 2.96 11.10 29.86
C ILE B 150 1.80 10.22 29.44
N VAL B 151 0.59 10.72 29.66
CA VAL B 151 -0.65 10.19 29.08
C VAL B 151 -1.27 11.30 28.20
N ILE B 152 -1.99 10.91 27.17
CA ILE B 152 -2.67 11.85 26.27
C ILE B 152 -4.14 11.46 26.22
N LYS B 153 -5.01 12.42 26.53
CA LYS B 153 -6.45 12.18 26.59
C LYS B 153 -7.24 13.29 25.94
N ASN B 154 -8.18 12.90 25.08
CA ASN B 154 -9.04 13.81 24.36
C ASN B 154 -10.46 13.69 24.93
N THR B 155 -11.16 12.60 24.63
CA THR B 155 -12.53 12.39 25.11
C THR B 155 -12.65 11.35 26.24
N GLY B 156 -11.67 10.46 26.36
CA GLY B 156 -11.77 9.30 27.25
C GLY B 156 -12.56 8.12 26.65
N HIS B 157 -12.85 8.14 25.35
CA HIS B 157 -13.58 7.03 24.70
C HIS B 157 -12.85 5.71 24.64
N ASP B 158 -11.53 5.71 24.72
CA ASP B 158 -10.76 4.53 24.33
C ASP B 158 -11.14 3.26 25.07
N TYR B 159 -11.49 2.24 24.30
CA TYR B 159 -11.87 0.93 24.83
C TYR B 159 -10.72 0.14 25.46
N LEU B 160 -9.47 0.46 25.08
CA LEU B 160 -8.28 -0.21 25.60
C LEU B 160 -7.59 0.50 26.78
N GLY B 161 -8.17 1.58 27.28
CA GLY B 161 -7.58 2.33 28.40
C GLY B 161 -6.36 3.17 28.01
N LYS B 162 -6.21 3.47 26.72
CA LYS B 162 -5.00 4.11 26.22
C LYS B 162 -4.91 5.60 26.53
N SER B 163 -6.00 6.19 27.03
CA SER B 163 -6.05 7.60 27.38
C SER B 163 -6.07 7.83 28.90
N THR B 164 -5.65 6.84 29.68
CA THR B 164 -5.44 7.00 31.11
C THR B 164 -4.24 6.18 31.57
N GLY B 165 -3.80 6.42 32.79
CA GLY B 165 -2.62 5.74 33.35
C GLY B 165 -2.26 6.23 34.75
N LYS B 166 -1.96 5.28 35.64
CA LYS B 166 -1.66 5.56 37.05
C LYS B 166 -0.40 6.41 37.20
N GLY B 167 -0.50 7.46 38.02
CA GLY B 167 0.63 8.33 38.32
C GLY B 167 1.11 9.20 37.17
N ALA B 168 0.30 9.33 36.13
CA ALA B 168 0.71 10.01 34.91
C ALA B 168 0.42 11.50 35.00
N LEU B 169 1.08 12.25 34.11
CA LEU B 169 0.74 13.64 33.82
C LEU B 169 0.01 13.57 32.49
N SER B 170 -1.27 13.95 32.47
CA SER B 170 -2.11 13.79 31.29
C SER B 170 -2.20 15.07 30.46
N LEU B 171 -1.94 14.96 29.17
CA LEU B 171 -2.14 16.04 28.21
C LEU B 171 -3.59 16.00 27.73
N TRP B 172 -4.40 16.89 28.28
CA TRP B 172 -5.85 16.92 27.99
C TRP B 172 -6.09 17.82 26.79
N MET B 173 -6.51 17.22 25.68
CA MET B 173 -6.61 17.90 24.39
C MET B 173 -8.03 18.38 24.07
N HIS B 174 -8.94 18.09 24.99
CA HIS B 174 -10.38 18.28 24.80
C HIS B 174 -10.82 19.67 24.37
N ASN B 175 -10.13 20.70 24.88
CA ASN B 175 -10.58 22.08 24.70
C ASN B 175 -9.97 22.81 23.50
N LEU B 176 -9.16 22.11 22.69
CA LEU B 176 -8.66 22.69 21.43
C LEU B 176 -9.77 22.55 20.38
N LYS B 177 -10.70 23.52 20.36
CA LYS B 177 -11.95 23.43 19.59
C LYS B 177 -11.99 24.29 18.32
N SER B 178 -10.87 24.89 17.93
CA SER B 178 -10.85 25.80 16.80
C SER B 178 -11.18 25.08 15.49
N THR B 179 -11.91 25.76 14.60
CA THR B 179 -12.16 25.26 13.25
C THR B 179 -11.89 26.35 12.23
N LYS B 180 -11.52 25.94 11.02
CA LYS B 180 -11.26 26.88 9.95
C LYS B 180 -11.57 26.21 8.63
N PHE B 181 -12.48 26.82 7.88
CA PHE B 181 -12.88 26.38 6.55
C PHE B 181 -11.82 26.85 5.59
N ILE B 182 -11.34 25.93 4.75
CA ILE B 182 -10.40 26.24 3.69
C ILE B 182 -11.13 25.96 2.37
N LYS B 183 -11.42 27.02 1.63
CA LYS B 183 -12.28 26.92 0.45
C LYS B 183 -11.61 26.19 -0.71
N ASN B 184 -10.35 26.51 -0.96
CA ASN B 184 -9.62 25.94 -2.09
C ASN B 184 -8.29 25.39 -1.61
N TYR B 185 -8.33 24.25 -0.95
CA TYR B 185 -7.09 23.56 -0.60
C TYR B 185 -6.47 23.13 -1.91
N LYS B 186 -5.18 23.34 -2.07
CA LYS B 186 -4.50 23.06 -3.33
C LYS B 186 -3.14 22.38 -3.09
N ALA B 187 -3.05 21.11 -3.51
CA ALA B 187 -1.81 20.35 -3.48
C ALA B 187 -1.87 19.25 -4.57
N PRO B 188 -0.72 18.65 -4.90
CA PRO B 188 -0.73 17.51 -5.82
C PRO B 188 -1.70 16.38 -5.41
N TYR B 189 -1.78 16.09 -4.10
CA TYR B 189 -2.61 15.00 -3.57
C TYR B 189 -4.11 15.35 -3.39
N TYR B 190 -4.46 16.64 -3.35
CA TYR B 190 -5.88 17.06 -3.20
C TYR B 190 -6.14 18.51 -3.64
N LYS B 191 -7.19 18.70 -4.41
CA LYS B 191 -7.75 20.03 -4.70
C LYS B 191 -9.23 20.02 -4.36
N GLY B 192 -9.67 20.96 -3.54
CA GLY B 192 -11.07 21.06 -3.10
C GLY B 192 -11.16 21.65 -1.69
N PRO B 193 -12.38 21.68 -1.11
CA PRO B 193 -12.55 22.29 0.21
C PRO B 193 -11.95 21.44 1.32
N ALA B 194 -11.53 22.08 2.41
CA ALA B 194 -10.96 21.39 3.57
C ALA B 194 -11.29 22.10 4.85
N ALA B 195 -11.04 21.42 5.97
CA ALA B 195 -11.27 21.97 7.29
C ALA B 195 -10.07 21.65 8.19
N LYS B 196 -9.55 22.68 8.85
CA LYS B 196 -8.56 22.52 9.89
C LYS B 196 -9.31 22.45 11.20
N LEU B 197 -9.17 21.32 11.91
CA LEU B 197 -9.88 21.09 13.16
C LEU B 197 -8.90 20.91 14.30
N GLY B 198 -9.12 21.63 15.39
CA GLY B 198 -8.33 21.42 16.62
C GLY B 198 -8.48 20.03 17.23
N ALA B 199 -7.50 19.65 18.03
CA ALA B 199 -7.39 18.30 18.60
C ALA B 199 -8.62 17.83 19.38
N GLY B 200 -9.33 18.77 20.01
CA GLY B 200 -10.49 18.49 20.81
C GLY B 200 -11.85 18.42 20.09
N VAL B 201 -11.86 18.69 18.78
CA VAL B 201 -13.13 18.78 18.04
C VAL B 201 -13.78 17.40 18.01
N GLU B 202 -15.03 17.33 18.44
CA GLU B 202 -15.77 16.07 18.45
C GLU B 202 -16.65 15.99 17.23
N GLY B 203 -17.19 14.80 16.98
CA GLY B 203 -18.02 14.54 15.80
C GLY B 203 -19.11 15.56 15.59
N PHE B 204 -19.88 15.83 16.64
CA PHE B 204 -21.01 16.76 16.54
C PHE B 204 -20.57 18.18 16.13
N GLU B 205 -19.41 18.59 16.63
CA GLU B 205 -18.84 19.90 16.29
C GLU B 205 -18.33 19.95 14.87
N ALA B 206 -17.69 18.87 14.42
CA ALA B 206 -17.21 18.75 13.05
C ALA B 206 -18.37 18.74 12.07
N TYR B 207 -19.45 18.05 12.42
CA TYR B 207 -20.64 17.98 11.58
C TYR B 207 -21.36 19.32 11.49
N ALA B 208 -21.50 20.00 12.62
CA ALA B 208 -22.10 21.34 12.63
C ALA B 208 -21.29 22.32 11.76
N MET B 209 -19.96 22.27 11.87
CA MET B 209 -19.06 23.14 11.10
C MET B 209 -19.13 22.84 9.61
N ALA B 210 -19.05 21.55 9.26
CA ALA B 210 -19.12 21.13 7.86
C ALA B 210 -20.45 21.52 7.23
N ASN B 211 -21.54 21.21 7.92
CA ASN B 211 -22.88 21.53 7.48
C ASN B 211 -23.09 23.01 7.23
N SER B 212 -22.55 23.86 8.11
CA SER B 212 -22.74 25.31 8.00
C SER B 212 -22.28 25.90 6.65
N THR B 213 -21.32 25.26 5.99
CA THR B 213 -20.87 25.67 4.64
C THR B 213 -21.40 24.77 3.50
N GLY B 214 -22.34 23.87 3.79
CA GLY B 214 -22.85 22.93 2.80
C GLY B 214 -21.86 21.85 2.43
N HIS B 215 -21.12 21.36 3.43
CA HIS B 215 -20.20 20.24 3.26
C HIS B 215 -20.47 19.12 4.25
N ARG B 216 -19.83 17.97 4.01
CA ARG B 216 -19.83 16.82 4.89
C ARG B 216 -18.40 16.46 5.24
N ILE B 217 -18.25 15.80 6.37
CA ILE B 217 -16.95 15.27 6.78
C ILE B 217 -17.10 13.83 7.29
N VAL B 218 -16.08 13.02 7.02
CA VAL B 218 -16.03 11.64 7.42
C VAL B 218 -15.70 11.58 8.92
N GLY B 219 -16.64 11.07 9.70
CA GLY B 219 -16.50 10.93 11.14
C GLY B 219 -17.28 9.74 11.66
N GLY B 220 -17.12 9.44 12.95
CA GLY B 220 -17.72 8.25 13.55
C GLY B 220 -19.22 8.32 13.78
N THR B 221 -19.80 7.19 14.14
CA THR B 221 -21.22 7.09 14.40
C THR B 221 -21.57 7.62 15.81
N CYS B 222 -20.60 7.61 16.71
CA CYS B 222 -20.82 8.12 18.07
C CYS B 222 -20.43 9.62 18.13
N PRO B 223 -21.40 10.54 18.35
CA PRO B 223 -21.13 11.98 18.12
C PRO B 223 -20.12 12.65 19.05
N THR B 224 -19.98 12.16 20.29
CA THR B 224 -18.96 12.67 21.21
C THR B 224 -17.52 12.22 20.89
N VAL B 225 -17.34 11.27 19.97
CA VAL B 225 -16.00 10.79 19.61
C VAL B 225 -15.13 11.92 19.05
N GLY B 226 -13.88 11.95 19.49
CA GLY B 226 -12.91 12.93 19.07
C GLY B 226 -12.35 12.60 17.69
N ILE B 227 -12.88 13.29 16.69
CA ILE B 227 -12.54 13.04 15.29
C ILE B 227 -11.05 13.21 14.95
N VAL B 228 -10.37 14.12 15.65
CA VAL B 228 -8.96 14.41 15.40
C VAL B 228 -8.02 13.51 16.21
N GLY B 229 -8.55 12.85 17.24
CA GLY B 229 -7.75 12.02 18.10
C GLY B 229 -7.64 10.60 17.62
N GLY B 230 -7.86 9.65 18.51
CA GLY B 230 -7.75 8.21 18.20
C GLY B 230 -8.60 7.69 17.05
N TYR B 231 -9.72 8.37 16.80
CA TYR B 231 -10.61 7.99 15.70
C TYR B 231 -9.90 8.02 14.34
N THR B 232 -9.49 9.20 13.88
CA THR B 232 -8.76 9.31 12.60
C THR B 232 -7.38 8.68 12.68
N GLN B 233 -6.68 8.84 13.80
CA GLN B 233 -5.33 8.32 13.90
C GLN B 233 -5.30 6.79 13.80
N GLY B 234 -6.34 6.12 14.30
CA GLY B 234 -6.47 4.67 14.22
C GLY B 234 -7.19 4.13 12.99
N GLY B 235 -7.68 5.02 12.14
CA GLY B 235 -8.35 4.67 10.88
C GLY B 235 -9.66 5.42 10.80
N GLY B 236 -10.65 4.94 11.55
CA GLY B 236 -11.92 5.62 11.73
C GLY B 236 -12.92 5.32 10.62
N HIS B 237 -13.84 4.38 10.88
CA HIS B 237 -14.91 4.09 9.93
C HIS B 237 -16.10 5.00 10.16
N SER B 238 -16.93 5.07 9.13
CA SER B 238 -18.00 6.05 9.03
C SER B 238 -19.03 5.52 8.06
N ILE B 239 -20.28 5.95 8.21
CA ILE B 239 -21.35 5.63 7.25
C ILE B 239 -21.11 6.28 5.87
N LEU B 240 -20.26 7.30 5.84
CA LEU B 240 -19.76 7.90 4.63
C LEU B 240 -18.52 7.22 4.03
N SER B 241 -18.03 6.13 4.63
CA SER B 241 -16.80 5.48 4.14
C SER B 241 -16.90 4.88 2.74
N SER B 242 -18.06 4.33 2.38
CA SER B 242 -18.26 3.81 1.03
C SER B 242 -18.15 4.90 -0.03
N SER B 243 -18.49 6.14 0.34
CA SER B 243 -18.35 7.28 -0.55
C SER B 243 -16.93 7.87 -0.56
N TYR B 244 -16.35 8.06 0.63
CA TYR B 244 -15.16 8.90 0.80
C TYR B 244 -13.94 8.23 1.44
N GLY B 245 -14.04 6.93 1.71
CA GLY B 245 -12.99 6.19 2.37
C GLY B 245 -12.96 6.33 3.88
N VAL B 246 -11.91 5.78 4.46
CA VAL B 246 -11.70 5.77 5.90
C VAL B 246 -11.31 7.20 6.31
N ALA B 247 -11.53 7.58 7.56
CA ALA B 247 -11.20 8.95 8.00
C ALA B 247 -9.72 9.29 7.75
N ALA B 248 -8.84 8.33 8.04
CA ALA B 248 -7.41 8.44 7.75
C ALA B 248 -7.11 8.78 6.28
N ASP B 249 -7.90 8.23 5.36
CA ASP B 249 -7.78 8.54 3.93
C ASP B 249 -8.02 10.01 3.59
N ASN B 250 -8.80 10.69 4.42
CA ASN B 250 -9.19 12.09 4.23
C ASN B 250 -8.32 13.13 4.92
N VAL B 251 -7.22 12.72 5.54
CA VAL B 251 -6.32 13.64 6.21
C VAL B 251 -5.38 14.24 5.19
N LEU B 252 -5.28 15.56 5.21
CA LEU B 252 -4.36 16.31 4.38
C LEU B 252 -3.09 16.70 5.18
N GLU B 253 -3.28 17.11 6.44
CA GLU B 253 -2.15 17.52 7.29
C GLU B 253 -2.39 17.17 8.73
N TRP B 254 -1.30 16.96 9.45
CA TRP B 254 -1.32 16.82 10.91
C TRP B 254 -0.41 17.89 11.49
N GLU B 255 -0.91 18.69 12.43
CA GLU B 255 -0.08 19.63 13.20
C GLU B 255 0.26 18.95 14.51
N VAL B 256 1.56 18.82 14.82
CA VAL B 256 2.01 18.06 15.97
C VAL B 256 3.10 18.72 16.82
N VAL B 257 3.29 18.16 18.01
CA VAL B 257 4.46 18.41 18.84
C VAL B 257 5.11 17.05 19.08
N THR B 258 6.41 16.94 18.76
CA THR B 258 7.13 15.67 18.95
C THR B 258 7.58 15.55 20.40
N ALA B 259 8.06 14.35 20.74
CA ALA B 259 8.58 14.04 22.06
C ALA B 259 9.63 15.08 22.51
N ASP B 260 10.53 15.48 21.61
CA ASP B 260 11.56 16.47 21.95
C ASP B 260 11.11 17.95 21.78
N GLY B 261 9.80 18.19 21.71
CA GLY B 261 9.26 19.55 21.73
C GLY B 261 9.11 20.27 20.38
N ARG B 262 9.50 19.65 19.27
CA ARG B 262 9.39 20.29 17.95
C ARG B 262 7.93 20.39 17.48
N HIS B 263 7.55 21.62 17.12
CA HIS B 263 6.24 21.92 16.56
C HIS B 263 6.30 21.68 15.04
N LEU B 264 5.78 20.55 14.58
CA LEU B 264 5.90 20.14 13.18
C LEU B 264 4.54 20.05 12.49
N VAL B 265 4.60 20.09 11.15
CA VAL B 265 3.44 19.87 10.29
C VAL B 265 3.81 18.70 9.39
N ALA B 266 2.99 17.65 9.43
CA ALA B 266 3.25 16.44 8.66
C ALA B 266 2.17 16.31 7.58
N THR B 267 2.62 16.25 6.32
CA THR B 267 1.75 16.07 5.16
C THR B 267 2.35 14.93 4.32
N PRO B 268 1.67 14.54 3.21
CA PRO B 268 2.25 13.59 2.25
C PRO B 268 3.56 14.04 1.57
N THR B 269 3.88 15.34 1.63
CA THR B 269 5.14 15.86 1.07
C THR B 269 6.06 16.60 2.08
N ARG B 270 5.73 16.57 3.37
CA ARG B 270 6.55 17.19 4.42
C ARG B 270 6.48 16.33 5.68
N ASN B 271 7.62 15.92 6.23
CA ASN B 271 7.68 14.94 7.33
C ASN B 271 6.74 13.79 7.03
N SER B 272 6.83 13.27 5.81
CA SER B 272 5.79 12.39 5.27
C SER B 272 5.76 11.00 5.91
N ASP B 273 6.88 10.56 6.44
CA ASP B 273 6.93 9.34 7.25
C ASP B 273 6.07 9.48 8.52
N LEU B 274 6.14 10.64 9.18
CA LEU B 274 5.24 10.93 10.30
C LEU B 274 3.77 11.02 9.86
N TYR B 275 3.53 11.65 8.71
CA TYR B 275 2.17 11.72 8.15
C TYR B 275 1.63 10.29 7.97
N TRP B 276 2.44 9.43 7.38
CA TRP B 276 2.09 8.05 7.07
C TRP B 276 1.69 7.27 8.31
N ALA B 277 2.48 7.44 9.37
CA ALA B 277 2.26 6.74 10.63
C ALA B 277 1.01 7.26 11.33
N LEU B 278 0.84 8.58 11.37
CA LEU B 278 -0.34 9.18 12.05
C LEU B 278 -1.64 8.85 11.34
N SER B 279 -1.60 8.69 10.02
CA SER B 279 -2.79 8.40 9.21
C SER B 279 -3.09 6.89 9.19
N GLY B 280 -3.45 6.33 10.36
CA GLY B 280 -3.80 4.92 10.47
C GLY B 280 -3.00 4.07 11.45
N GLY B 281 -1.89 4.61 11.97
CA GLY B 281 -0.98 3.86 12.84
C GLY B 281 -1.36 3.84 14.30
N GLY B 282 -2.41 4.57 14.65
CA GLY B 282 -2.94 4.59 16.01
C GLY B 282 -2.43 5.77 16.80
N GLY B 283 -3.27 6.29 17.67
CA GLY B 283 -2.96 7.50 18.43
C GLY B 283 -2.12 7.25 19.66
N GLY B 284 -1.59 8.33 20.21
CA GLY B 284 -0.90 8.30 21.50
C GLY B 284 0.49 7.70 21.51
N THR B 285 1.10 7.52 20.33
CA THR B 285 2.43 6.93 20.24
C THR B 285 3.47 7.68 19.38
N PHE B 286 3.07 8.29 18.27
CA PHE B 286 4.03 8.98 17.39
C PHE B 286 4.34 10.41 17.79
N ALA B 287 3.32 11.17 18.15
CA ALA B 287 3.45 12.59 18.50
C ALA B 287 2.17 13.11 19.10
N VAL B 288 2.20 14.32 19.64
CA VAL B 288 1.00 14.97 20.18
C VAL B 288 0.37 15.78 19.09
N VAL B 289 -0.87 15.44 18.72
CA VAL B 289 -1.57 16.16 17.67
C VAL B 289 -2.25 17.38 18.27
N LEU B 290 -2.02 18.55 17.65
CA LEU B 290 -2.73 19.80 17.98
C LEU B 290 -3.90 20.08 17.04
N SER B 291 -3.75 19.71 15.77
CA SER B 291 -4.83 19.86 14.80
C SER B 291 -4.65 18.92 13.64
N MET B 292 -5.72 18.72 12.89
CA MET B 292 -5.63 18.06 11.60
C MET B 292 -6.38 18.88 10.57
N THR B 293 -5.99 18.72 9.33
CA THR B 293 -6.69 19.31 8.20
C THR B 293 -7.19 18.16 7.37
N ALA B 294 -8.49 18.15 7.11
CA ALA B 294 -9.16 17.03 6.48
C ALA B 294 -9.97 17.50 5.30
N ARG B 295 -10.19 16.60 4.35
CA ARG B 295 -11.00 16.89 3.15
C ARG B 295 -12.45 17.08 3.58
N LEU B 296 -13.10 18.12 3.06
CA LEU B 296 -14.55 18.25 3.12
C LEU B 296 -15.12 17.77 1.80
N HIS B 297 -16.40 17.39 1.82
CA HIS B 297 -17.10 16.83 0.66
C HIS B 297 -18.40 17.59 0.41
N ARG B 298 -18.81 17.75 -0.85
CA ARG B 298 -20.03 18.49 -1.17
C ARG B 298 -21.22 17.76 -0.54
N ASP B 299 -22.09 18.53 0.11
CA ASP B 299 -23.32 18.01 0.70
C ASP B 299 -24.42 18.01 -0.37
N GLY B 300 -25.58 17.52 0.02
CA GLY B 300 -26.73 17.33 -0.87
C GLY B 300 -27.67 16.35 -0.21
N ILE B 301 -28.68 15.90 -0.96
CA ILE B 301 -29.65 14.95 -0.41
C ILE B 301 -28.96 13.66 0.03
N VAL B 302 -29.56 12.98 1.02
CA VAL B 302 -29.07 11.68 1.46
C VAL B 302 -30.26 10.73 1.62
N GLY B 303 -30.22 9.65 0.84
CA GLY B 303 -31.20 8.57 0.95
C GLY B 303 -30.98 7.81 2.26
N GLY B 304 -32.07 7.38 2.86
CA GLY B 304 -32.00 6.66 4.14
C GLY B 304 -33.06 5.60 4.20
N THR B 305 -32.87 4.63 5.09
CA THR B 305 -33.95 3.72 5.43
C THR B 305 -33.70 3.01 6.74
N LEU B 306 -34.80 2.65 7.40
CA LEU B 306 -34.78 1.61 8.42
C LEU B 306 -35.12 0.35 7.63
N LEU B 307 -34.30 -0.69 7.78
CA LEU B 307 -34.60 -2.02 7.24
C LEU B 307 -34.47 -3.03 8.38
N GLY B 308 -35.58 -3.61 8.81
CA GLY B 308 -35.59 -4.54 9.93
C GLY B 308 -36.35 -5.81 9.62
N PHE B 309 -35.85 -6.92 10.16
CA PHE B 309 -36.59 -8.18 10.10
C PHE B 309 -36.23 -9.10 11.25
N ASN B 310 -37.12 -10.04 11.53
CA ASN B 310 -37.00 -10.94 12.67
C ASN B 310 -37.46 -12.37 12.30
N ASP B 311 -37.33 -13.29 13.25
CA ASP B 311 -37.63 -14.71 13.04
C ASP B 311 -39.03 -15.17 13.45
N SER B 312 -39.91 -14.24 13.83
CA SER B 312 -41.17 -14.57 14.50
C SER B 312 -42.12 -15.39 13.63
N ALA B 313 -42.25 -15.01 12.36
CA ALA B 313 -43.08 -15.74 11.40
C ALA B 313 -42.39 -16.99 10.84
N VAL B 314 -41.09 -16.89 10.55
CA VAL B 314 -40.39 -17.88 9.72
C VAL B 314 -39.46 -18.85 10.47
N GLY B 315 -39.17 -18.56 11.73
CA GLY B 315 -38.29 -19.42 12.54
C GLY B 315 -36.85 -19.01 12.41
N ASN B 316 -36.03 -19.45 13.36
CA ASN B 316 -34.65 -18.97 13.51
C ASN B 316 -33.71 -19.38 12.37
N GLU B 317 -33.92 -20.55 11.78
CA GLU B 317 -33.04 -21.06 10.73
C GLU B 317 -33.12 -20.22 9.47
N VAL B 318 -34.33 -19.95 9.02
CA VAL B 318 -34.54 -19.08 7.86
C VAL B 318 -34.04 -17.65 8.15
N TYR B 319 -34.28 -17.16 9.37
CA TYR B 319 -33.75 -15.86 9.79
C TYR B 319 -32.24 -15.77 9.52
N TRP B 320 -31.48 -16.78 9.92
CA TRP B 320 -30.03 -16.80 9.69
C TRP B 320 -29.63 -16.97 8.23
N GLU B 321 -30.43 -17.70 7.46
CA GLU B 321 -30.24 -17.77 6.01
C GLU B 321 -30.47 -16.39 5.36
N ALA B 322 -31.44 -15.65 5.91
CA ALA B 322 -31.72 -14.26 5.49
C ALA B 322 -30.62 -13.29 5.86
N VAL B 323 -30.04 -13.45 7.04
CA VAL B 323 -28.86 -12.65 7.44
C VAL B 323 -27.70 -12.94 6.47
N ALA B 324 -27.46 -14.22 6.17
CA ALA B 324 -26.38 -14.61 5.25
C ALA B 324 -26.59 -14.03 3.83
N ALA B 325 -27.81 -14.07 3.32
CA ALA B 325 -28.11 -13.52 1.98
C ALA B 325 -28.06 -12.00 1.97
N PHE B 326 -28.47 -11.37 3.07
CA PHE B 326 -28.33 -9.93 3.25
C PHE B 326 -26.86 -9.51 3.12
N HIS B 327 -26.00 -10.24 3.79
CA HIS B 327 -24.55 -10.02 3.69
C HIS B 327 -24.04 -10.17 2.27
N ALA B 328 -24.46 -11.26 1.60
CA ALA B 328 -24.04 -11.54 0.22
C ALA B 328 -24.56 -10.55 -0.84
N LEU B 329 -25.66 -9.85 -0.51
CA LEU B 329 -26.21 -8.81 -1.41
C LEU B 329 -25.55 -7.42 -1.27
N LEU B 330 -24.74 -7.22 -0.23
CA LEU B 330 -24.11 -5.93 0.07
C LEU B 330 -23.15 -5.36 -1.01
N PRO B 331 -22.32 -6.20 -1.65
CA PRO B 331 -21.34 -5.68 -2.62
C PRO B 331 -21.83 -4.59 -3.61
N ASP B 332 -22.85 -4.87 -4.41
CA ASP B 332 -23.35 -3.88 -5.40
C ASP B 332 -23.83 -2.58 -4.76
N PHE B 333 -24.47 -2.73 -3.59
CA PHE B 333 -24.97 -1.62 -2.78
C PHE B 333 -23.80 -0.76 -2.31
N LEU B 334 -22.76 -1.41 -1.77
CA LEU B 334 -21.61 -0.70 -1.22
C LEU B 334 -20.74 -0.04 -2.27
N ASP B 335 -20.55 -0.73 -3.40
CA ASP B 335 -19.79 -0.19 -4.54
C ASP B 335 -20.43 1.04 -5.20
N GLY B 336 -21.70 1.29 -4.93
CA GLY B 336 -22.35 2.55 -5.35
C GLY B 336 -22.14 3.73 -4.43
N GLY B 337 -21.38 3.56 -3.34
CA GLY B 337 -21.10 4.62 -2.37
C GLY B 337 -21.97 4.60 -1.13
N ASN B 338 -22.75 3.53 -0.97
CA ASN B 338 -23.77 3.44 0.08
C ASN B 338 -23.30 2.53 1.22
N SER B 339 -24.03 2.54 2.33
CA SER B 339 -23.66 1.71 3.49
C SER B 339 -24.85 1.36 4.38
N PHE B 340 -24.69 0.25 5.08
CA PHE B 340 -25.60 -0.16 6.14
C PHE B 340 -24.80 -0.23 7.45
N THR B 341 -25.36 0.34 8.51
CA THR B 341 -24.91 0.10 9.87
C THR B 341 -26.08 -0.63 10.54
N TYR B 342 -25.81 -1.81 11.09
CA TYR B 342 -26.89 -2.66 11.58
C TYR B 342 -26.55 -3.38 12.87
N SER B 343 -27.61 -3.80 13.56
CA SER B 343 -27.53 -4.51 14.85
C SER B 343 -27.97 -5.95 14.62
N VAL B 344 -27.09 -6.91 14.92
CA VAL B 344 -27.38 -8.32 14.69
C VAL B 344 -27.78 -8.98 16.01
N GLY B 345 -29.05 -9.34 16.13
CA GLY B 345 -29.58 -10.04 17.31
C GLY B 345 -29.76 -11.51 17.09
N ASN B 346 -30.00 -12.25 18.19
CA ASN B 346 -30.30 -13.69 18.15
C ASN B 346 -31.52 -14.05 17.32
N ASN B 347 -32.50 -13.14 17.27
CA ASN B 347 -33.71 -13.33 16.49
C ASN B 347 -34.15 -12.16 15.59
N SER B 348 -33.36 -11.10 15.50
CA SER B 348 -33.72 -9.96 14.65
C SER B 348 -32.56 -9.07 14.26
N LEU B 349 -32.69 -8.45 13.09
CA LEU B 349 -31.69 -7.56 12.54
C LEU B 349 -32.35 -6.22 12.21
N THR B 350 -31.74 -5.13 12.66
CA THR B 350 -32.23 -3.79 12.39
C THR B 350 -31.08 -3.00 11.76
N ALA B 351 -31.28 -2.58 10.52
CA ALA B 351 -30.27 -1.90 9.72
C ALA B 351 -30.70 -0.48 9.45
N TYR B 352 -29.71 0.39 9.30
CA TYR B 352 -29.94 1.79 8.95
C TYR B 352 -29.11 2.06 7.70
N GLY B 353 -29.80 2.38 6.61
CA GLY B 353 -29.16 2.57 5.29
C GLY B 353 -28.77 4.01 5.07
N THR B 354 -27.58 4.21 4.53
CA THR B 354 -27.12 5.54 4.15
C THR B 354 -26.78 5.52 2.68
N MET B 355 -27.46 6.36 1.91
CA MET B 355 -27.34 6.35 0.43
C MET B 355 -27.14 7.79 -0.05
N PRO B 356 -25.88 8.29 0.01
CA PRO B 356 -25.61 9.69 -0.32
C PRO B 356 -25.97 10.06 -1.74
N GLY B 357 -26.75 11.12 -1.88
CA GLY B 357 -27.21 11.62 -3.19
C GLY B 357 -28.25 10.80 -3.89
N ALA B 358 -28.79 9.78 -3.21
CA ALA B 358 -29.79 8.89 -3.80
C ALA B 358 -31.14 9.52 -3.62
N ASP B 359 -31.78 9.89 -4.74
CA ASP B 359 -33.18 10.31 -4.74
C ASP B 359 -34.08 9.10 -4.48
N ARG B 360 -35.39 9.32 -4.35
CA ARG B 360 -36.28 8.23 -3.90
C ARG B 360 -36.36 7.08 -4.93
N ASP B 361 -36.32 7.38 -6.23
CA ASP B 361 -36.29 6.32 -7.26
C ASP B 361 -35.02 5.45 -7.04
N ALA B 362 -33.89 6.10 -6.80
CA ALA B 362 -32.63 5.41 -6.58
C ALA B 362 -32.61 4.59 -5.27
N VAL B 363 -33.20 5.16 -4.21
CA VAL B 363 -33.31 4.42 -2.95
C VAL B 363 -34.11 3.12 -3.15
N ASP B 364 -35.24 3.21 -3.86
CA ASP B 364 -36.05 2.02 -4.11
C ASP B 364 -35.26 0.96 -4.90
N ARG B 365 -34.58 1.39 -5.96
CA ARG B 365 -33.74 0.51 -6.77
C ARG B 365 -32.61 -0.17 -5.99
N LEU B 366 -31.99 0.56 -5.07
CA LEU B 366 -30.92 0.02 -4.23
C LEU B 366 -31.40 -0.99 -3.20
N LEU B 367 -32.58 -0.75 -2.64
CA LEU B 367 -33.17 -1.65 -1.63
C LEU B 367 -33.87 -2.87 -2.23
N ARG B 368 -34.29 -2.77 -3.50
CA ARG B 368 -35.09 -3.84 -4.12
C ARG B 368 -34.54 -5.28 -4.01
N PRO B 369 -33.22 -5.48 -4.27
CA PRO B 369 -32.66 -6.82 -4.11
C PRO B 369 -32.80 -7.38 -2.67
N PHE B 370 -32.62 -6.51 -1.67
CA PHE B 370 -32.70 -6.91 -0.28
C PHE B 370 -34.13 -7.28 0.08
N LEU B 371 -35.08 -6.48 -0.42
CA LEU B 371 -36.50 -6.72 -0.16
C LEU B 371 -37.04 -7.92 -0.92
N ASP B 372 -36.57 -8.11 -2.16
CA ASP B 372 -36.96 -9.28 -2.94
C ASP B 372 -36.47 -10.58 -2.30
N ASP B 373 -35.26 -10.54 -1.75
CA ASP B 373 -34.71 -11.74 -1.11
C ASP B 373 -35.49 -12.11 0.14
N LEU B 374 -35.81 -11.12 0.97
CA LEU B 374 -36.57 -11.33 2.21
C LEU B 374 -37.97 -11.83 1.88
N ALA B 375 -38.57 -11.27 0.82
CA ALA B 375 -39.90 -11.71 0.38
C ALA B 375 -39.90 -13.17 -0.04
N SER B 376 -38.84 -13.60 -0.73
CA SER B 376 -38.72 -14.98 -1.20
C SER B 376 -38.53 -16.00 -0.08
N ARG B 377 -38.13 -15.55 1.11
CA ARG B 377 -37.99 -16.43 2.27
C ARG B 377 -39.20 -16.39 3.22
N GLY B 378 -40.30 -15.74 2.82
CA GLY B 378 -41.49 -15.62 3.67
C GLY B 378 -41.47 -14.50 4.70
N ILE B 379 -40.43 -13.66 4.67
CA ILE B 379 -40.26 -12.58 5.65
C ILE B 379 -40.92 -11.29 5.14
N THR B 380 -41.72 -10.65 6.01
CA THR B 380 -42.26 -9.30 5.77
C THR B 380 -41.44 -8.30 6.59
N PRO B 381 -40.47 -7.61 5.96
CA PRO B 381 -39.61 -6.72 6.77
C PRO B 381 -40.29 -5.39 7.11
N VAL B 382 -39.74 -4.70 8.11
CA VAL B 382 -40.05 -3.28 8.34
C VAL B 382 -39.12 -2.46 7.45
N VAL B 383 -39.72 -1.68 6.55
CA VAL B 383 -38.97 -0.86 5.58
C VAL B 383 -39.54 0.54 5.62
N GLN B 384 -38.70 1.51 5.96
CA GLN B 384 -39.13 2.89 6.07
C GLN B 384 -38.08 3.76 5.39
N PRO B 385 -38.14 3.87 4.05
CA PRO B 385 -37.18 4.72 3.37
C PRO B 385 -37.52 6.20 3.52
N ARG B 386 -36.51 7.03 3.31
CA ARG B 386 -36.66 8.49 3.38
C ARG B 386 -35.55 9.11 2.53
N VAL B 387 -35.72 10.39 2.20
CA VAL B 387 -34.66 11.20 1.62
C VAL B 387 -34.51 12.42 2.50
N SER B 388 -33.33 12.58 3.11
CA SER B 388 -33.02 13.74 3.92
C SER B 388 -32.43 14.82 2.99
N THR B 389 -32.73 16.08 3.29
CA THR B 389 -32.21 17.24 2.54
C THR B 389 -30.70 17.36 2.60
N ASN B 390 -30.12 17.03 3.75
CA ASN B 390 -28.66 17.09 3.93
C ASN B 390 -28.17 15.99 4.86
N TYR B 391 -26.86 15.81 4.93
CA TYR B 391 -26.25 14.73 5.72
C TYR B 391 -26.43 14.89 7.24
N TYR B 392 -26.32 16.11 7.76
CA TYR B 392 -26.54 16.36 9.19
C TYR B 392 -27.89 15.82 9.66
N ASP B 393 -28.96 16.18 8.96
CA ASP B 393 -30.31 15.67 9.24
C ASP B 393 -30.38 14.14 9.15
N HIS B 394 -29.79 13.58 8.10
CA HIS B 394 -29.75 12.13 7.93
C HIS B 394 -29.10 11.43 9.13
N PHE B 395 -27.89 11.87 9.47
CA PHE B 395 -27.11 11.32 10.58
C PHE B 395 -27.93 11.30 11.86
N PHE B 396 -28.52 12.44 12.21
CA PHE B 396 -29.22 12.58 13.48
C PHE B 396 -30.66 12.05 13.50
N THR B 397 -31.22 11.70 12.33
CA THR B 397 -32.47 10.93 12.28
C THR B 397 -32.29 9.56 12.94
N TYR B 398 -31.19 8.90 12.62
CA TYR B 398 -30.92 7.54 13.06
C TYR B 398 -30.04 7.43 14.30
N LEU B 399 -29.10 8.37 14.47
CA LEU B 399 -28.09 8.30 15.55
C LEU B 399 -28.17 9.48 16.53
N GLY B 400 -29.39 10.02 16.69
CA GLY B 400 -29.65 11.15 17.57
C GLY B 400 -30.02 10.75 19.00
N PRO B 401 -30.57 11.67 19.78
CA PRO B 401 -30.88 13.05 19.38
C PRO B 401 -29.64 13.96 19.27
N ALA B 402 -29.71 14.95 18.38
CA ALA B 402 -28.64 15.94 18.24
C ALA B 402 -28.54 16.79 19.51
N PRO B 403 -27.35 17.27 19.88
CA PRO B 403 -26.09 17.05 19.16
C PRO B 403 -25.28 15.84 19.65
N TYR B 404 -25.61 15.32 20.84
CA TYR B 404 -24.71 14.41 21.56
C TYR B 404 -24.99 12.91 21.38
N GLY B 405 -26.15 12.58 20.82
CA GLY B 405 -26.57 11.19 20.70
C GLY B 405 -26.80 10.52 22.03
N ASN B 406 -26.83 9.20 22.00
CA ASN B 406 -27.15 8.38 23.18
C ASN B 406 -26.41 7.05 23.11
N ALA B 407 -25.14 7.12 22.72
CA ALA B 407 -24.35 5.92 22.46
C ALA B 407 -23.88 5.28 23.78
N ALA B 408 -24.35 4.06 24.00
CA ALA B 408 -24.01 3.24 25.15
C ALA B 408 -22.54 2.85 25.13
N TYR B 409 -21.91 2.84 26.30
CA TYR B 409 -20.51 2.43 26.41
C TYR B 409 -20.41 0.99 26.88
N PHE B 410 -19.98 0.11 25.96
CA PHE B 410 -19.71 -1.29 26.24
C PHE B 410 -18.21 -1.52 26.35
N PRO B 411 -17.68 -1.71 27.58
CA PRO B 411 -16.23 -1.73 27.78
C PRO B 411 -15.49 -3.00 27.39
N PHE B 412 -16.18 -4.03 26.93
CA PHE B 412 -15.54 -5.22 26.37
C PHE B 412 -15.86 -5.29 24.89
N THR B 413 -15.32 -4.31 24.16
CA THR B 413 -15.54 -4.22 22.73
C THR B 413 -14.42 -4.95 22.01
N ASN B 414 -14.84 -5.84 21.12
CA ASN B 414 -13.96 -6.59 20.24
C ASN B 414 -14.37 -6.26 18.82
N SER B 415 -13.55 -6.64 17.85
CA SER B 415 -13.89 -6.36 16.46
C SER B 415 -13.19 -7.26 15.46
N ARG B 416 -13.77 -7.30 14.28
CA ARG B 416 -13.17 -7.96 13.17
C ARG B 416 -13.51 -7.21 11.89
N ILE B 417 -12.48 -6.96 11.08
CA ILE B 417 -12.66 -6.49 9.71
C ILE B 417 -12.72 -7.75 8.85
N ILE B 418 -13.86 -7.96 8.21
CA ILE B 418 -14.17 -9.21 7.51
C ILE B 418 -14.05 -8.97 6.01
N PRO B 419 -13.17 -9.72 5.31
CA PRO B 419 -13.02 -9.58 3.86
C PRO B 419 -14.31 -9.89 3.07
N ARG B 420 -14.53 -9.11 2.01
CA ARG B 420 -15.64 -9.36 1.10
C ARG B 420 -15.67 -10.81 0.61
N SER B 421 -14.49 -11.33 0.27
CA SER B 421 -14.35 -12.65 -0.33
C SER B 421 -14.87 -13.78 0.55
N LEU B 422 -14.77 -13.62 1.87
CA LEU B 422 -15.42 -14.55 2.79
C LEU B 422 -16.93 -14.57 2.64
N VAL B 423 -17.52 -13.38 2.44
CA VAL B 423 -18.96 -13.24 2.34
C VAL B 423 -19.48 -13.72 0.99
N THR B 424 -18.79 -13.39 -0.10
CA THR B 424 -19.29 -13.71 -1.45
C THR B 424 -19.15 -15.19 -1.83
N ASP B 425 -18.26 -15.91 -1.15
CA ASP B 425 -18.17 -17.36 -1.27
C ASP B 425 -19.09 -17.97 -0.20
N PRO B 426 -20.21 -18.61 -0.62
CA PRO B 426 -21.21 -19.10 0.36
C PRO B 426 -20.72 -20.18 1.33
N LYS B 427 -19.64 -20.87 0.95
CA LYS B 427 -18.94 -21.81 1.81
C LYS B 427 -18.30 -21.11 3.03
N SER B 428 -17.43 -20.13 2.78
CA SER B 428 -16.83 -19.34 3.87
C SER B 428 -17.83 -18.43 4.56
N ASN B 429 -18.88 -18.01 3.85
CA ASN B 429 -19.92 -17.15 4.44
C ASN B 429 -20.75 -17.91 5.47
N ALA B 430 -20.86 -19.23 5.30
CA ALA B 430 -21.52 -20.09 6.29
C ALA B 430 -20.76 -20.07 7.61
N VAL B 431 -19.44 -20.07 7.56
CA VAL B 431 -18.61 -19.92 8.77
C VAL B 431 -18.85 -18.55 9.43
N VAL B 432 -18.95 -17.49 8.62
CA VAL B 432 -19.24 -16.14 9.11
C VAL B 432 -20.61 -16.11 9.80
N THR B 433 -21.63 -16.69 9.16
CA THR B 433 -22.96 -16.80 9.76
C THR B 433 -22.96 -17.62 11.05
N ASP B 434 -22.16 -18.68 11.07
CA ASP B 434 -22.03 -19.53 12.25
C ASP B 434 -21.36 -18.76 13.41
N LEU B 435 -20.37 -17.93 13.08
CA LEU B 435 -19.75 -17.04 14.09
C LEU B 435 -20.81 -16.12 14.70
N PHE B 436 -21.60 -15.47 13.84
CA PHE B 436 -22.58 -14.49 14.30
C PHE B 436 -23.63 -15.16 15.18
N ARG B 437 -24.12 -16.32 14.74
CA ARG B 437 -25.08 -17.10 15.50
C ARG B 437 -24.51 -17.50 16.88
N ASN B 438 -23.27 -17.97 16.92
CA ASN B 438 -22.61 -18.33 18.19
C ASN B 438 -22.54 -17.13 19.14
N ILE B 439 -22.14 -15.98 18.63
CA ILE B 439 -22.02 -14.75 19.44
C ILE B 439 -23.38 -14.24 19.88
N SER B 440 -24.38 -14.33 18.99
CA SER B 440 -25.76 -14.01 19.34
C SER B 440 -26.33 -14.79 20.53
N GLN B 441 -25.78 -15.97 20.82
CA GLN B 441 -26.22 -16.77 21.99
C GLN B 441 -25.50 -16.42 23.31
N VAL B 442 -24.62 -15.41 23.32
CA VAL B 442 -23.93 -14.96 24.56
C VAL B 442 -24.61 -13.65 25.00
N PRO B 443 -25.41 -13.68 26.09
CA PRO B 443 -26.27 -12.51 26.41
C PRO B 443 -25.56 -11.15 26.58
N ALA B 444 -24.41 -11.14 27.27
CA ALA B 444 -23.65 -9.91 27.50
C ALA B 444 -23.09 -9.26 26.23
N PHE B 445 -22.91 -10.05 25.15
CA PHE B 445 -22.29 -9.59 23.91
C PHE B 445 -23.25 -9.53 22.73
N SER B 446 -24.56 -9.45 23.02
CA SER B 446 -25.61 -9.57 22.01
C SER B 446 -26.84 -8.74 22.39
N PRO B 447 -27.46 -8.03 21.44
CA PRO B 447 -27.03 -7.93 20.03
C PRO B 447 -25.73 -7.13 19.87
N PHE B 448 -25.18 -7.09 18.65
CA PHE B 448 -23.99 -6.28 18.37
C PHE B 448 -24.08 -5.60 17.01
N TYR B 449 -23.32 -4.52 16.87
CA TYR B 449 -23.36 -3.68 15.67
C TYR B 449 -22.31 -4.10 14.66
N CYS B 450 -22.68 -3.97 13.39
CA CYS B 450 -21.78 -4.08 12.25
C CYS B 450 -21.91 -2.84 11.36
N ASP B 451 -20.80 -2.37 10.80
CA ASP B 451 -20.84 -1.38 9.72
C ASP B 451 -20.42 -2.10 8.45
N SER B 452 -20.84 -1.56 7.32
CA SER B 452 -20.49 -2.13 6.02
C SER B 452 -19.95 -1.02 5.15
N PHE B 453 -18.98 -1.38 4.33
CA PHE B 453 -18.24 -0.39 3.56
C PHE B 453 -17.51 -1.04 2.38
N SER B 454 -17.23 -0.23 1.37
CA SER B 454 -16.23 -0.54 0.37
C SER B 454 -15.30 0.67 0.29
N VAL B 455 -14.04 0.49 0.71
CA VAL B 455 -13.04 1.57 0.71
C VAL B 455 -11.82 1.28 -0.18
N ALA B 456 -12.01 0.40 -1.16
CA ALA B 456 -11.02 0.12 -2.18
C ALA B 456 -11.21 1.12 -3.32
N ASP B 457 -10.18 1.27 -4.13
CA ASP B 457 -10.28 1.99 -5.43
C ASP B 457 -10.72 3.47 -5.32
N LYS B 458 -10.36 4.14 -4.23
CA LYS B 458 -10.61 5.58 -4.07
C LYS B 458 -9.29 6.31 -3.92
N PRO B 459 -9.24 7.61 -4.30
CA PRO B 459 -8.00 8.35 -4.19
C PRO B 459 -7.69 8.73 -2.75
N HIS B 460 -6.45 8.48 -2.34
CA HIS B 460 -5.96 8.90 -1.04
C HIS B 460 -4.43 8.90 -1.07
N PRO B 461 -3.80 9.72 -0.21
CA PRO B 461 -2.36 9.65 -0.08
C PRO B 461 -1.93 8.36 0.61
N ALA B 462 -0.70 7.94 0.38
CA ALA B 462 -0.18 6.73 1.00
C ALA B 462 -0.27 6.87 2.51
N ASN B 463 -0.77 5.84 3.17
CA ASN B 463 -0.89 5.84 4.61
C ASN B 463 -0.78 4.41 5.16
N SER B 464 -0.78 4.30 6.48
CA SER B 464 -0.49 3.04 7.19
C SER B 464 -1.72 2.19 7.56
N LEU B 465 -2.87 2.45 6.93
CA LEU B 465 -4.05 1.60 7.15
C LEU B 465 -3.77 0.14 6.81
N HIS B 466 -4.19 -0.76 7.70
CA HIS B 466 -4.10 -2.21 7.48
C HIS B 466 -4.69 -2.52 6.11
N PRO B 467 -4.02 -3.35 5.29
CA PRO B 467 -4.57 -3.73 3.99
C PRO B 467 -5.99 -4.35 4.01
N ALA B 468 -6.29 -5.11 5.06
CA ALA B 468 -7.63 -5.67 5.33
C ALA B 468 -8.78 -4.68 5.19
N TRP B 469 -8.54 -3.40 5.47
CA TRP B 469 -9.53 -2.35 5.18
C TRP B 469 -9.97 -2.34 3.72
N ARG B 470 -9.01 -2.50 2.81
CA ARG B 470 -9.27 -2.42 1.37
C ARG B 470 -10.04 -3.62 0.84
N THR B 471 -9.68 -4.82 1.30
CA THR B 471 -10.44 -6.05 0.99
C THR B 471 -11.69 -6.21 1.88
N GLY B 472 -11.78 -5.41 2.94
CA GLY B 472 -12.85 -5.52 3.91
C GLY B 472 -14.22 -5.10 3.40
N MET B 473 -15.25 -5.71 3.98
CA MET B 473 -16.61 -5.34 3.69
C MET B 473 -17.45 -5.09 4.93
N LEU B 474 -17.27 -5.92 5.96
CA LEU B 474 -17.90 -5.73 7.25
C LEU B 474 -16.87 -5.41 8.32
N LEU B 475 -17.24 -4.51 9.23
CA LEU B 475 -16.53 -4.31 10.47
C LEU B 475 -17.54 -4.53 11.60
N CYS B 476 -17.43 -5.66 12.28
CA CYS B 476 -18.39 -6.04 13.32
C CYS B 476 -17.74 -5.98 14.70
N ALA B 477 -18.49 -5.45 15.67
CA ALA B 477 -17.97 -5.16 17.00
C ALA B 477 -18.82 -5.80 18.08
N PRO B 478 -18.65 -7.13 18.29
CA PRO B 478 -19.22 -7.80 19.46
C PRO B 478 -18.73 -7.14 20.74
N ALA B 479 -19.67 -6.61 21.52
CA ALA B 479 -19.34 -5.69 22.58
C ALA B 479 -20.05 -6.10 23.86
N GLY B 480 -19.24 -6.48 24.86
CA GLY B 480 -19.74 -6.87 26.17
C GLY B 480 -20.11 -5.69 27.00
N SER B 481 -21.28 -5.74 27.63
CA SER B 481 -21.72 -4.70 28.54
C SER B 481 -21.07 -4.84 29.91
N TRP B 482 -21.15 -3.76 30.68
CA TRP B 482 -20.73 -3.76 32.06
C TRP B 482 -21.97 -4.00 32.92
N ASP B 483 -21.79 -4.72 34.02
CA ASP B 483 -22.85 -4.98 34.99
C ASP B 483 -22.38 -4.47 36.36
N TRP B 484 -23.05 -3.42 36.86
CA TRP B 484 -22.66 -2.78 38.12
C TRP B 484 -23.08 -3.61 39.36
N ASP B 485 -24.02 -4.53 39.18
CA ASP B 485 -24.45 -5.47 40.22
C ASP B 485 -23.57 -6.71 40.31
N ALA B 486 -22.70 -6.92 39.33
CA ALA B 486 -21.73 -8.03 39.37
C ALA B 486 -20.54 -7.67 40.24
N SER B 487 -19.82 -8.70 40.69
CA SER B 487 -18.60 -8.54 41.47
C SER B 487 -17.46 -8.07 40.56
N PRO B 488 -16.41 -7.46 41.15
CA PRO B 488 -15.20 -7.16 40.39
C PRO B 488 -14.56 -8.38 39.69
N GLU B 489 -14.55 -9.54 40.35
CA GLU B 489 -14.00 -10.75 39.71
C GLU B 489 -14.78 -11.18 38.47
N GLU B 490 -16.10 -11.04 38.50
CA GLU B 490 -16.97 -11.40 37.36
C GLU B 490 -16.67 -10.51 36.17
N MET B 491 -16.53 -9.22 36.41
CA MET B 491 -16.15 -8.29 35.34
C MET B 491 -14.75 -8.55 34.83
N ALA B 492 -13.83 -8.92 35.71
CA ALA B 492 -12.49 -9.32 35.27
C ALA B 492 -12.56 -10.58 34.42
N ALA B 493 -13.40 -11.55 34.81
CA ALA B 493 -13.55 -12.78 34.05
C ALA B 493 -14.19 -12.52 32.67
N ARG B 494 -15.10 -11.54 32.57
CA ARG B 494 -15.68 -11.17 31.29
C ARG B 494 -14.64 -10.49 30.39
N ASP B 495 -13.82 -9.62 30.97
CA ASP B 495 -12.68 -9.02 30.31
C ASP B 495 -11.80 -10.08 29.66
N ARG B 496 -11.40 -11.06 30.46
CA ARG B 496 -10.54 -12.16 30.00
C ARG B 496 -11.21 -13.01 28.95
N TYR B 497 -12.50 -13.29 29.13
CA TYR B 497 -13.29 -14.05 28.14
C TYR B 497 -13.26 -13.38 26.77
N ALA B 498 -13.48 -12.07 26.75
CA ALA B 498 -13.44 -11.31 25.51
C ALA B 498 -12.10 -11.45 24.83
N ALA B 499 -11.03 -11.33 25.60
CA ALA B 499 -9.67 -11.28 25.07
C ALA B 499 -9.19 -12.64 24.56
N GLU B 500 -9.39 -13.67 25.36
CA GLU B 500 -8.74 -14.94 25.11
C GLU B 500 -9.66 -16.03 24.56
N THR B 501 -10.97 -15.80 24.54
CA THR B 501 -11.92 -16.76 23.99
C THR B 501 -12.71 -16.18 22.80
N LEU B 502 -13.43 -15.09 23.01
CA LEU B 502 -14.28 -14.50 21.96
C LEU B 502 -13.49 -13.92 20.78
N GLN B 503 -12.47 -13.12 21.04
CA GLN B 503 -11.68 -12.52 19.96
C GLN B 503 -10.96 -13.57 19.08
N PRO B 504 -10.26 -14.55 19.69
CA PRO B 504 -9.69 -15.62 18.85
C PRO B 504 -10.70 -16.45 18.06
N MET B 505 -11.91 -16.60 18.57
CA MET B 505 -13.00 -17.27 17.86
C MET B 505 -13.39 -16.46 16.62
N MET B 506 -13.51 -15.15 16.79
CA MET B 506 -13.78 -14.24 15.69
C MET B 506 -12.66 -14.27 14.65
N ASP B 507 -11.41 -14.28 15.11
CA ASP B 507 -10.24 -14.34 14.23
C ASP B 507 -10.25 -15.61 13.37
N ALA B 508 -10.43 -16.77 14.00
CA ALA B 508 -10.38 -18.06 13.30
C ALA B 508 -11.51 -18.27 12.28
N ALA B 509 -12.65 -17.62 12.51
CA ALA B 509 -13.78 -17.67 11.57
C ALA B 509 -13.61 -16.75 10.37
N THR B 510 -12.66 -15.81 10.43
CA THR B 510 -12.51 -14.80 9.39
C THR B 510 -11.05 -14.63 8.94
N PRO B 511 -10.45 -15.70 8.38
CA PRO B 511 -9.07 -15.58 7.89
C PRO B 511 -8.96 -14.59 6.74
N GLY B 512 -7.85 -13.86 6.72
CA GLY B 512 -7.64 -12.75 5.80
C GLY B 512 -8.06 -11.41 6.37
N GLY B 513 -8.86 -11.42 7.42
CA GLY B 513 -9.29 -10.18 8.06
C GLY B 513 -8.27 -9.64 9.04
N SER B 514 -8.72 -8.74 9.89
CA SER B 514 -7.85 -8.17 10.92
C SER B 514 -8.73 -7.67 12.04
N VAL B 515 -8.09 -7.17 13.10
CA VAL B 515 -8.81 -6.55 14.19
C VAL B 515 -8.56 -5.07 14.13
N TYR B 516 -9.63 -4.30 14.27
CA TYR B 516 -9.56 -2.85 14.29
C TYR B 516 -8.97 -2.40 15.62
N LEU B 517 -7.81 -1.73 15.55
CA LEU B 517 -7.04 -1.36 16.74
C LEU B 517 -7.78 -0.47 17.73
N ASN B 518 -8.79 0.26 17.25
CA ASN B 518 -9.64 1.09 18.12
C ASN B 518 -10.74 0.34 18.86
N GLU B 519 -11.05 -0.88 18.43
CA GLU B 519 -12.17 -1.64 18.98
C GLU B 519 -11.70 -3.06 19.29
N ALA B 520 -11.00 -3.17 20.40
CA ALA B 520 -10.42 -4.42 20.83
C ALA B 520 -10.15 -4.37 22.33
N ASN B 521 -9.72 -5.51 22.86
CA ASN B 521 -9.52 -5.66 24.27
C ASN B 521 -8.05 -5.42 24.59
N HIS B 522 -7.79 -4.67 25.66
CA HIS B 522 -6.41 -4.43 26.12
C HIS B 522 -5.56 -5.70 26.39
N LEU B 523 -6.21 -6.82 26.72
CA LEU B 523 -5.53 -8.10 27.00
C LEU B 523 -5.35 -9.01 25.79
N TYR B 524 -5.92 -8.64 24.63
CA TYR B 524 -5.78 -9.40 23.38
C TYR B 524 -4.30 -9.61 23.04
N ALA B 525 -3.87 -10.87 23.06
CA ALA B 525 -2.45 -11.21 22.98
C ALA B 525 -1.82 -11.00 21.61
N ASN B 526 -2.58 -11.27 20.54
CA ASN B 526 -2.07 -11.20 19.17
C ASN B 526 -2.20 -9.78 18.54
N TRP B 527 -2.15 -8.74 19.37
CA TRP B 527 -2.40 -7.37 18.93
C TRP B 527 -1.48 -6.89 17.80
N LYS B 528 -0.19 -7.21 17.89
CA LYS B 528 0.80 -6.69 16.95
C LYS B 528 0.49 -7.12 15.52
N GLU B 529 0.30 -8.43 15.34
CA GLU B 529 -0.05 -8.97 14.04
C GLU B 529 -1.41 -8.48 13.57
N SER B 530 -2.45 -8.60 14.41
CA SER B 530 -3.82 -8.26 13.98
C SER B 530 -4.08 -6.77 13.77
N PHE B 531 -3.44 -5.90 14.56
CA PHE B 531 -3.65 -4.46 14.44
C PHE B 531 -2.86 -3.87 13.28
N TYR B 532 -1.61 -4.28 13.14
CA TYR B 532 -0.65 -3.62 12.23
C TYR B 532 -0.16 -4.46 11.05
N GLY B 533 -0.20 -5.79 11.17
CA GLY B 533 0.26 -6.67 10.11
C GLY B 533 1.64 -6.29 9.54
N ASP B 534 1.76 -6.35 8.21
CA ASP B 534 3.05 -6.11 7.55
C ASP B 534 3.57 -4.68 7.63
N ASN B 535 2.70 -3.73 7.98
CA ASN B 535 3.12 -2.35 8.23
C ASN B 535 3.91 -2.11 9.51
N TYR B 536 3.95 -3.09 10.43
CA TYR B 536 4.56 -2.83 11.75
C TYR B 536 6.04 -2.44 11.66
N ALA B 537 6.81 -3.12 10.81
CA ALA B 537 8.23 -2.80 10.65
C ALA B 537 8.44 -1.31 10.36
N ARG B 538 7.76 -0.80 9.33
CA ARG B 538 7.85 0.62 8.97
C ARG B 538 7.30 1.53 10.05
N LEU B 539 6.14 1.20 10.62
CA LEU B 539 5.59 1.98 11.75
C LEU B 539 6.62 2.12 12.89
N LEU B 540 7.27 1.01 13.23
CA LEU B 540 8.27 1.00 14.30
C LEU B 540 9.51 1.87 13.99
N ARG B 541 9.89 1.94 12.71
CA ARG B 541 10.99 2.82 12.29
C ARG B 541 10.62 4.29 12.47
N VAL B 542 9.38 4.64 12.20
CA VAL B 542 8.88 6.00 12.41
C VAL B 542 8.82 6.30 13.90
N LYS B 543 8.37 5.33 14.69
CA LYS B 543 8.33 5.49 16.16
C LYS B 543 9.72 5.78 16.72
N LYS B 544 10.70 4.96 16.35
CA LYS B 544 12.06 5.13 16.85
C LYS B 544 12.69 6.43 16.36
N LYS B 545 12.35 6.86 15.14
CA LYS B 545 12.84 8.13 14.60
C LYS B 545 12.29 9.36 15.34
N TYR B 546 10.99 9.41 15.57
CA TYR B 546 10.37 10.59 16.20
C TYR B 546 10.26 10.50 17.73
N ASP B 547 10.39 9.30 18.29
CA ASP B 547 10.33 9.11 19.75
C ASP B 547 11.37 8.05 20.17
N PRO B 548 12.66 8.36 19.99
CA PRO B 548 13.69 7.36 20.28
C PRO B 548 13.78 6.93 21.76
N ASP B 549 13.39 7.80 22.70
CA ASP B 549 13.42 7.46 24.13
C ASP B 549 12.11 6.86 24.67
N SER B 550 11.14 6.68 23.78
CA SER B 550 9.85 6.08 24.13
C SER B 550 9.11 6.88 25.18
N VAL B 551 9.05 8.19 24.97
CA VAL B 551 8.26 9.08 25.83
C VAL B 551 6.77 8.71 25.81
N PHE B 552 6.28 8.28 24.64
CA PHE B 552 4.86 7.98 24.47
C PHE B 552 4.61 6.47 24.60
N TYR B 553 3.66 6.11 25.46
CA TYR B 553 3.27 4.73 25.63
C TYR B 553 1.76 4.63 25.65
N VAL B 554 1.25 3.66 24.90
CA VAL B 554 -0.12 3.21 25.01
C VAL B 554 -0.13 1.70 24.87
N LYS B 555 -0.99 1.04 25.63
CA LYS B 555 -1.14 -0.40 25.55
C LYS B 555 -1.53 -0.77 24.11
N THR B 556 -0.81 -1.72 23.53
CA THR B 556 -0.92 -2.17 22.12
C THR B 556 -0.47 -1.15 21.05
N GLY B 557 0.14 -0.06 21.47
CA GLY B 557 0.65 0.95 20.54
C GLY B 557 1.91 0.49 19.83
N VAL B 558 2.22 1.12 18.71
CA VAL B 558 3.47 0.86 18.04
C VAL B 558 4.61 1.18 19.01
N GLY B 559 5.52 0.23 19.21
CA GLY B 559 6.67 0.41 20.10
C GLY B 559 6.35 0.28 21.58
N SER B 560 5.13 -0.15 21.91
CA SER B 560 4.67 -0.29 23.28
C SER B 560 5.39 -1.41 24.05
N GLU B 561 5.88 -2.40 23.31
CA GLU B 561 6.67 -3.51 23.85
C GLU B 561 7.89 -3.07 24.69
N VAL B 562 8.38 -1.85 24.46
CA VAL B 562 9.46 -1.26 25.29
C VAL B 562 9.07 -1.15 26.78
N TRP B 563 7.79 -0.93 27.07
CA TRP B 563 7.29 -0.78 28.43
C TRP B 563 6.35 -1.93 28.84
N ASP B 564 6.36 -2.21 30.14
CA ASP B 564 5.47 -3.17 30.78
C ASP B 564 4.93 -2.55 32.04
N VAL B 565 3.67 -2.84 32.37
CA VAL B 565 3.07 -2.43 33.63
C VAL B 565 3.23 -3.56 34.66
N ASP B 566 3.74 -3.25 35.85
CA ASP B 566 3.89 -4.28 36.91
C ASP B 566 2.58 -4.41 37.72
N ALA B 567 2.61 -5.21 38.78
CA ALA B 567 1.43 -5.46 39.60
C ALA B 567 0.82 -4.19 40.23
N THR B 568 1.67 -3.23 40.60
CA THR B 568 1.22 -1.96 41.22
C THR B 568 0.69 -0.90 40.24
N GLY B 569 0.82 -1.13 38.94
CA GLY B 569 0.51 -0.11 37.94
C GLY B 569 1.68 0.79 37.57
N ARG B 570 2.88 0.42 38.00
CA ARG B 570 4.09 1.18 37.62
C ARG B 570 4.50 0.79 36.20
N LEU B 571 4.91 1.77 35.42
CA LEU B 571 5.38 1.54 34.05
C LEU B 571 6.90 1.36 34.07
N CYS B 572 7.36 0.18 33.67
CA CYS B 572 8.78 -0.16 33.69
C CYS B 572 9.27 -0.64 32.32
N ARG B 573 10.54 -0.37 32.02
CA ARG B 573 11.14 -0.84 30.78
C ARG B 573 11.31 -2.37 30.80
N ALA B 574 10.86 -3.01 29.74
CA ALA B 574 10.88 -4.47 29.64
C ALA B 574 12.28 -4.99 29.35
#